data_5MK0
#
_entry.id   5MK0
#
_cell.length_a   43.751
_cell.length_b   64.690
_cell.length_c   70.621
_cell.angle_alpha   101.39
_cell.angle_beta   97.16
_cell.angle_gamma   102.21
#
_symmetry.space_group_name_H-M   'P 1'
#
loop_
_entity.id
_entity.type
_entity.pdbx_description
1 polymer 'Tyrosine-protein phosphatase non-receptor type 23'
2 polymer 'Zinc finger FYVE domain-containing protein 16'
3 water water
#
loop_
_entity_poly.entity_id
_entity_poly.type
_entity_poly.pdbx_seq_one_letter_code
_entity_poly.pdbx_strand_id
1 'polypeptide(L)'
;MEAVPRMPMIWLDLKEAGDFHFQPAVKKFVLKNYGENPEAYNEELKKLELLRQNAVRVPRDFEGCSVLRKYLGQLHYLQS
RVPMGSGQEAAVPVTWTEIFSGKSVAHEDIKYEQACILYNLGALHSMLGAMDKRVSEEGMKVSCTHFQCAAGAFAYLREH
FPQAYSVDMSRQILTLNVNLMLGQAQECLLEKSMLDNRKSFLVARISAQVVDYYKEACRALENPDTASLLGRIQKDWKKL
VQMKIYYFAAVAHLHMGKQAEEQQKFGERVAYFQSALDKLNEAIKLAKGQPDTVQDALRFTMDVIGGKYNSAKKDNDFIY
HEAVPALDTLQPVKGAPLVKPLPVNPTDPAVTGPDIFAKLV
;
A,C
2 'polypeptide(L)' MDSYFKAAVSDLDKLLDDFEQN B,D
#
# COMPACT_ATOMS: atom_id res chain seq x y z
N MET A 1 -35.97 -1.64 -1.48
CA MET A 1 -36.76 -2.35 -2.54
C MET A 1 -37.05 -3.78 -2.10
N GLU A 2 -38.23 -4.27 -2.48
CA GLU A 2 -38.69 -5.57 -2.02
C GLU A 2 -38.00 -6.73 -2.72
N ALA A 3 -37.22 -6.47 -3.76
CA ALA A 3 -36.49 -7.52 -4.47
C ALA A 3 -35.16 -7.88 -3.79
N VAL A 4 -34.86 -7.28 -2.65
CA VAL A 4 -33.59 -7.46 -1.97
C VAL A 4 -33.76 -8.54 -0.91
N PRO A 5 -32.99 -9.64 -0.96
CA PRO A 5 -33.18 -10.71 0.03
C PRO A 5 -32.86 -10.28 1.45
N ARG A 6 -31.76 -9.56 1.65
CA ARG A 6 -31.30 -9.16 2.97
C ARG A 6 -31.11 -10.37 3.88
N MET A 7 -30.38 -11.36 3.35
CA MET A 7 -29.98 -12.50 4.14
C MET A 7 -29.00 -12.09 5.23
N PRO A 8 -28.97 -12.81 6.36
CA PRO A 8 -27.95 -12.55 7.37
C PRO A 8 -26.57 -12.96 6.86
N MET A 9 -25.55 -12.35 7.48
CA MET A 9 -24.16 -12.52 7.11
C MET A 9 -23.34 -13.10 8.27
N ILE A 10 -22.28 -13.81 7.90
CA ILE A 10 -21.31 -14.36 8.83
C ILE A 10 -20.26 -13.31 9.15
N TRP A 11 -19.78 -13.33 10.39
CA TRP A 11 -18.67 -12.49 10.80
C TRP A 11 -17.72 -13.33 11.63
N LEU A 12 -16.52 -12.81 11.83
CA LEU A 12 -15.52 -13.46 12.65
C LEU A 12 -15.32 -12.68 13.94
N ASP A 13 -15.21 -13.41 15.05
CA ASP A 13 -14.93 -12.80 16.33
C ASP A 13 -13.49 -12.32 16.40
N LEU A 14 -13.26 -11.31 17.23
CA LEU A 14 -11.92 -10.80 17.48
C LEU A 14 -11.18 -11.67 18.50
N LYS A 15 -9.88 -11.84 18.27
CA LYS A 15 -9.05 -12.61 19.18
C LYS A 15 -8.73 -11.82 20.44
N GLU A 16 -8.57 -12.55 21.53
CA GLU A 16 -8.23 -11.99 22.83
C GLU A 16 -6.72 -11.90 22.99
N ALA A 17 -6.22 -10.74 23.39
CA ALA A 17 -4.79 -10.51 23.54
C ALA A 17 -4.33 -10.82 24.96
N GLY A 18 -3.15 -11.40 25.06
CA GLY A 18 -2.42 -11.54 26.30
C GLY A 18 -1.32 -10.50 26.41
N ASP A 19 -0.25 -10.88 27.11
CA ASP A 19 0.80 -9.92 27.45
C ASP A 19 1.81 -9.76 26.32
N PHE A 20 2.36 -8.54 26.22
CA PHE A 20 3.46 -8.22 25.30
C PHE A 20 4.30 -7.17 26.03
N HIS A 21 5.19 -7.64 26.89
CA HIS A 21 5.98 -6.76 27.77
C HIS A 21 7.24 -6.32 27.02
N PHE A 22 7.05 -5.36 26.11
CA PHE A 22 8.14 -4.92 25.25
C PHE A 22 9.07 -3.93 25.96
N GLN A 23 8.58 -3.23 26.98
CA GLN A 23 9.34 -2.12 27.53
C GLN A 23 10.73 -2.52 28.02
N PRO A 24 10.88 -3.55 28.87
CA PRO A 24 12.24 -3.84 29.37
C PRO A 24 13.21 -4.25 28.26
N ALA A 25 12.72 -4.88 27.20
CA ALA A 25 13.59 -5.30 26.11
C ALA A 25 14.08 -4.09 25.31
N VAL A 26 13.19 -3.14 25.04
CA VAL A 26 13.60 -1.92 24.36
C VAL A 26 14.63 -1.16 25.19
N LYS A 27 14.42 -1.11 26.51
CA LYS A 27 15.36 -0.36 27.35
C LYS A 27 16.73 -1.01 27.36
N LYS A 28 16.78 -2.34 27.46
CA LYS A 28 18.06 -3.04 27.45
C LYS A 28 18.77 -2.86 26.12
N PHE A 29 18.02 -2.90 25.02
CA PHE A 29 18.63 -2.77 23.70
C PHE A 29 19.19 -1.37 23.46
N VAL A 30 18.51 -0.35 23.98
CA VAL A 30 18.98 1.02 23.81
C VAL A 30 20.32 1.20 24.50
N LEU A 31 20.46 0.66 25.70
CA LEU A 31 21.70 0.83 26.45
C LEU A 31 22.82 -0.04 25.89
N LYS A 32 22.51 -1.26 25.47
CA LYS A 32 23.55 -2.18 25.02
C LYS A 32 24.11 -1.76 23.68
N ASN A 33 23.25 -1.47 22.70
CA ASN A 33 23.68 -1.18 21.34
C ASN A 33 23.75 0.32 21.09
N TYR A 34 22.61 1.01 21.17
CA TYR A 34 22.59 2.45 20.91
C TYR A 34 23.38 3.25 21.96
N GLY A 35 23.71 2.63 23.09
CA GLY A 35 24.58 3.26 24.08
C GLY A 35 23.98 4.41 24.85
N GLU A 36 22.66 4.53 24.90
CA GLU A 36 21.99 5.68 25.49
C GLU A 36 21.38 5.33 26.84
N ASN A 37 20.91 6.36 27.53
CA ASN A 37 20.23 6.18 28.80
C ASN A 37 18.95 5.36 28.59
N PRO A 38 18.81 4.19 29.21
CA PRO A 38 17.66 3.32 28.90
C PRO A 38 16.32 3.91 29.27
N GLU A 39 16.28 5.05 29.96
CA GLU A 39 15.05 5.73 30.33
C GLU A 39 14.72 6.87 29.37
N ALA A 40 15.52 7.06 28.32
CA ALA A 40 15.36 8.20 27.45
C ALA A 40 14.11 8.11 26.57
N TYR A 41 13.53 6.92 26.43
CA TYR A 41 12.40 6.72 25.54
C TYR A 41 11.14 6.30 26.29
N ASN A 42 11.01 6.72 27.55
CA ASN A 42 9.84 6.34 28.34
C ASN A 42 8.56 6.92 27.74
N GLU A 43 8.62 8.16 27.24
CA GLU A 43 7.44 8.76 26.64
C GLU A 43 6.99 7.99 25.40
N GLU A 44 7.94 7.55 24.59
CA GLU A 44 7.59 6.74 23.42
C GLU A 44 6.99 5.41 23.85
N LEU A 45 7.58 4.78 24.87
CA LEU A 45 7.09 3.48 25.32
C LEU A 45 5.69 3.60 25.90
N LYS A 46 5.39 4.72 26.56
CA LYS A 46 4.06 4.94 27.10
C LYS A 46 3.04 5.14 25.98
N LYS A 47 3.43 5.85 24.93
CA LYS A 47 2.53 6.03 23.80
C LYS A 47 2.18 4.69 23.15
N LEU A 48 3.16 3.82 22.96
CA LEU A 48 2.87 2.54 22.31
C LEU A 48 2.04 1.65 23.22
N GLU A 49 2.30 1.68 24.53
CA GLU A 49 1.48 0.89 25.46
C GLU A 49 0.03 1.34 25.44
N LEU A 50 -0.21 2.66 25.49
CA LEU A 50 -1.59 3.15 25.45
C LEU A 50 -2.26 2.78 24.14
N LEU A 51 -1.51 2.82 23.05
CA LEU A 51 -2.07 2.44 21.76
C LEU A 51 -2.43 0.96 21.75
N ARG A 52 -1.55 0.11 22.30
CA ARG A 52 -1.87 -1.31 22.38
C ARG A 52 -3.12 -1.55 23.21
N GLN A 53 -3.20 -0.93 24.39
CA GLN A 53 -4.37 -1.14 25.23
C GLN A 53 -5.65 -0.73 24.51
N ASN A 54 -5.59 0.36 23.72
CA ASN A 54 -6.74 0.75 22.92
C ASN A 54 -7.01 -0.26 21.81
N ALA A 55 -5.95 -0.81 21.20
CA ALA A 55 -6.13 -1.74 20.10
C ALA A 55 -6.68 -3.08 20.57
N VAL A 56 -6.26 -3.55 21.75
CA VAL A 56 -6.74 -4.85 22.21
C VAL A 56 -8.11 -4.77 22.87
N ARG A 57 -8.62 -3.56 23.11
CA ARG A 57 -9.97 -3.35 23.60
C ARG A 57 -10.67 -2.39 22.64
N VAL A 58 -10.71 -2.76 21.36
CA VAL A 58 -11.03 -1.83 20.30
C VAL A 58 -12.53 -1.54 20.26
N PRO A 59 -12.95 -0.28 20.08
CA PRO A 59 -14.37 -0.02 19.86
C PRO A 59 -14.83 -0.64 18.56
N ARG A 60 -16.04 -1.20 18.57
CA ARG A 60 -16.58 -1.90 17.41
C ARG A 60 -17.23 -0.89 16.46
N ASP A 61 -16.39 -0.07 15.84
CA ASP A 61 -16.84 0.95 14.90
C ASP A 61 -15.71 1.27 13.95
N PHE A 62 -15.97 2.19 13.02
CA PHE A 62 -14.98 2.52 12.02
C PHE A 62 -13.72 3.08 12.66
N GLU A 63 -13.88 3.86 13.74
CA GLU A 63 -12.71 4.40 14.42
C GLU A 63 -11.81 3.27 14.94
N GLY A 64 -12.42 2.16 15.38
CA GLY A 64 -11.65 1.02 15.83
C GLY A 64 -10.77 0.44 14.74
N CYS A 65 -11.26 0.44 13.50
CA CYS A 65 -10.44 -0.06 12.40
C CYS A 65 -9.18 0.79 12.25
N SER A 66 -9.32 2.12 12.38
CA SER A 66 -8.17 3.01 12.29
C SER A 66 -7.20 2.82 13.46
N VAL A 67 -7.71 2.49 14.63
CA VAL A 67 -6.86 2.19 15.78
C VAL A 67 -5.99 0.97 15.48
N LEU A 68 -6.62 -0.10 14.96
CA LEU A 68 -5.87 -1.31 14.66
C LEU A 68 -4.84 -1.09 13.57
N ARG A 69 -5.20 -0.34 12.51
CA ARG A 69 -4.22 -0.05 11.47
C ARG A 69 -3.06 0.78 12.01
N LYS A 70 -3.36 1.75 12.86
CA LYS A 70 -2.31 2.60 13.43
C LYS A 70 -1.35 1.76 14.27
N TYR A 71 -1.90 0.94 15.16
CA TYR A 71 -1.05 0.10 16.00
C TYR A 71 -0.26 -0.89 15.16
N LEU A 72 -0.89 -1.48 14.14
CA LEU A 72 -0.16 -2.39 13.25
C LEU A 72 1.05 -1.71 12.64
N GLY A 73 0.88 -0.47 12.16
CA GLY A 73 1.99 0.24 11.57
C GLY A 73 3.07 0.60 12.56
N GLN A 74 2.68 1.03 13.76
CA GLN A 74 3.68 1.39 14.75
C GLN A 74 4.51 0.17 15.17
N LEU A 75 3.91 -1.01 15.14
CA LEU A 75 4.66 -2.24 15.38
C LEU A 75 5.71 -2.46 14.29
N HIS A 76 5.39 -2.12 13.05
CA HIS A 76 6.40 -2.20 12.00
C HIS A 76 7.52 -1.20 12.24
N TYR A 77 7.16 0.01 12.67
CA TYR A 77 8.17 1.02 12.96
C TYR A 77 9.06 0.57 14.11
N LEU A 78 8.49 -0.07 15.13
CA LEU A 78 9.30 -0.54 16.24
C LEU A 78 10.25 -1.64 15.81
N GLN A 79 9.75 -2.61 15.03
CA GLN A 79 10.58 -3.74 14.61
C GLN A 79 11.75 -3.28 13.74
N SER A 80 11.57 -2.20 12.99
CA SER A 80 12.66 -1.71 12.14
C SER A 80 13.78 -1.08 12.95
N ARG A 81 13.51 -0.67 14.19
CA ARG A 81 14.48 -0.01 15.04
C ARG A 81 15.00 -0.89 16.17
N VAL A 82 14.21 -1.87 16.61
CA VAL A 82 14.59 -2.77 17.69
C VAL A 82 14.30 -4.19 17.24
N PRO A 83 15.29 -5.10 17.23
CA PRO A 83 15.04 -6.44 16.70
C PRO A 83 14.30 -7.35 17.66
N MET A 84 13.00 -7.54 17.42
CA MET A 84 12.15 -8.31 18.33
C MET A 84 11.47 -9.48 17.63
N GLY A 85 11.96 -9.87 16.45
CA GLY A 85 11.46 -11.01 15.74
C GLY A 85 12.06 -12.31 16.24
N SER A 86 11.73 -13.39 15.55
CA SER A 86 12.11 -14.72 15.99
C SER A 86 13.63 -14.84 16.11
N GLY A 87 14.09 -15.27 17.28
CA GLY A 87 15.50 -15.51 17.52
C GLY A 87 16.36 -14.27 17.67
N GLN A 88 15.76 -13.09 17.68
CA GLN A 88 16.51 -11.85 17.73
C GLN A 88 16.73 -11.39 19.17
N GLU A 89 17.64 -10.42 19.31
CA GLU A 89 18.21 -10.09 20.61
C GLU A 89 17.16 -9.54 21.59
N ALA A 90 16.26 -8.69 21.10
CA ALA A 90 15.28 -8.01 21.94
C ALA A 90 13.91 -8.69 21.94
N ALA A 91 13.81 -9.94 21.51
CA ALA A 91 12.51 -10.59 21.42
C ALA A 91 11.98 -10.91 22.81
N VAL A 92 10.68 -10.72 23.00
CA VAL A 92 10.02 -11.06 24.26
C VAL A 92 8.79 -11.90 23.93
N PRO A 93 8.23 -12.60 24.92
CA PRO A 93 7.02 -13.38 24.65
C PRO A 93 5.84 -12.50 24.26
N VAL A 94 5.08 -13.00 23.29
CA VAL A 94 3.80 -12.44 22.86
C VAL A 94 2.78 -13.55 23.02
N THR A 95 1.70 -13.28 23.76
CA THR A 95 0.68 -14.29 23.99
C THR A 95 -0.68 -13.77 23.52
N TRP A 96 -1.38 -14.61 22.76
CA TRP A 96 -2.74 -14.37 22.32
C TRP A 96 -3.52 -15.66 22.47
N THR A 97 -4.83 -15.55 22.57
CA THR A 97 -5.71 -16.71 22.69
C THR A 97 -6.13 -17.18 21.30
N GLU A 98 -5.86 -18.46 21.00
CA GLU A 98 -6.37 -19.08 19.79
C GLU A 98 -7.89 -19.22 19.90
N ILE A 99 -8.61 -18.71 18.91
CA ILE A 99 -10.01 -18.37 19.15
C ILE A 99 -10.91 -19.59 19.16
N PHE A 100 -10.54 -20.66 18.45
CA PHE A 100 -11.46 -21.80 18.36
C PHE A 100 -11.32 -22.74 19.56
N SER A 101 -10.10 -22.93 20.07
CA SER A 101 -9.88 -23.75 21.25
C SER A 101 -9.97 -22.97 22.55
N GLY A 102 -9.76 -21.66 22.50
CA GLY A 102 -9.69 -20.89 23.73
C GLY A 102 -8.37 -20.98 24.46
N LYS A 103 -7.36 -21.62 23.87
CA LYS A 103 -6.08 -21.84 24.54
C LYS A 103 -5.09 -20.75 24.19
N SER A 104 -4.25 -20.41 25.17
CA SER A 104 -3.21 -19.40 24.97
C SER A 104 -2.09 -19.97 24.11
N VAL A 105 -1.58 -19.15 23.20
CA VAL A 105 -0.46 -19.50 22.33
C VAL A 105 0.55 -18.36 22.42
N ALA A 106 1.79 -18.70 22.75
CA ALA A 106 2.85 -17.72 22.94
C ALA A 106 3.96 -17.92 21.91
N HIS A 107 4.50 -16.81 21.40
CA HIS A 107 5.67 -16.80 20.53
C HIS A 107 6.55 -15.62 20.92
N GLU A 108 7.87 -15.83 20.93
CA GLU A 108 8.79 -14.74 21.22
C GLU A 108 9.14 -14.03 19.92
N ASP A 109 8.17 -13.25 19.43
CA ASP A 109 8.20 -12.76 18.05
C ASP A 109 7.19 -11.65 17.85
N ILE A 110 7.69 -10.43 17.58
CA ILE A 110 6.81 -9.29 17.40
C ILE A 110 5.90 -9.48 16.19
N LYS A 111 6.30 -10.29 15.21
CA LYS A 111 5.44 -10.51 14.05
C LYS A 111 4.21 -11.32 14.40
N TYR A 112 4.23 -12.04 15.53
CA TYR A 112 3.02 -12.69 16.04
C TYR A 112 2.02 -11.65 16.51
N GLU A 113 2.48 -10.63 17.23
CA GLU A 113 1.61 -9.52 17.60
C GLU A 113 1.03 -8.84 16.37
N GLN A 114 1.87 -8.57 15.36
CA GLN A 114 1.37 -7.98 14.12
C GLN A 114 0.30 -8.86 13.48
N ALA A 115 0.54 -10.16 13.43
CA ALA A 115 -0.39 -11.06 12.75
C ALA A 115 -1.76 -11.03 13.42
N CYS A 116 -1.77 -11.02 14.75
CA CYS A 116 -3.04 -11.06 15.49
C CYS A 116 -3.81 -9.76 15.33
N ILE A 117 -3.10 -8.63 15.30
CA ILE A 117 -3.75 -7.33 15.11
C ILE A 117 -4.35 -7.25 13.71
N LEU A 118 -3.61 -7.74 12.71
CA LEU A 118 -4.10 -7.80 11.35
C LEU A 118 -5.31 -8.72 11.25
N TYR A 119 -5.27 -9.88 11.89
CA TYR A 119 -6.45 -10.73 11.97
C TYR A 119 -7.64 -9.98 12.53
N ASN A 120 -7.43 -9.28 13.64
CA ASN A 120 -8.54 -8.58 14.29
C ASN A 120 -9.06 -7.44 13.43
N LEU A 121 -8.20 -6.84 12.61
CA LEU A 121 -8.67 -5.86 11.64
C LEU A 121 -9.66 -6.50 10.67
N GLY A 122 -9.33 -7.67 10.13
CA GLY A 122 -10.25 -8.38 9.28
C GLY A 122 -11.52 -8.77 10.01
N ALA A 123 -11.40 -9.27 11.23
CA ALA A 123 -12.57 -9.64 12.01
C ALA A 123 -13.47 -8.43 12.24
N LEU A 124 -12.89 -7.30 12.61
CA LEU A 124 -13.71 -6.12 12.89
C LEU A 124 -14.45 -5.64 11.64
N HIS A 125 -13.76 -5.61 10.50
CA HIS A 125 -14.45 -5.25 9.26
C HIS A 125 -15.59 -6.22 8.97
N SER A 126 -15.39 -7.51 9.24
CA SER A 126 -16.46 -8.47 8.99
C SER A 126 -17.65 -8.22 9.92
N MET A 127 -17.39 -7.81 11.16
CA MET A 127 -18.48 -7.46 12.08
C MET A 127 -19.23 -6.23 11.58
N LEU A 128 -18.50 -5.20 11.15
CA LEU A 128 -19.16 -3.98 10.72
C LEU A 128 -19.95 -4.20 9.44
N GLY A 129 -19.48 -5.08 8.55
CA GLY A 129 -20.27 -5.43 7.38
C GLY A 129 -21.53 -6.17 7.74
N ALA A 130 -21.45 -7.10 8.71
CA ALA A 130 -22.57 -7.95 9.07
C ALA A 130 -23.61 -7.23 9.93
N MET A 131 -23.22 -6.12 10.57
CA MET A 131 -24.11 -5.45 11.51
C MET A 131 -25.19 -4.64 10.79
N ASP A 132 -24.92 -4.16 9.59
CA ASP A 132 -25.87 -3.29 8.90
C ASP A 132 -27.08 -4.10 8.42
N LYS A 133 -28.25 -3.47 8.52
CA LYS A 133 -29.48 -4.11 8.06
C LYS A 133 -29.62 -4.10 6.54
N ARG A 134 -28.81 -3.31 5.84
CA ARG A 134 -28.81 -3.24 4.38
C ARG A 134 -30.20 -2.92 3.84
N VAL A 135 -30.78 -1.85 4.38
CA VAL A 135 -32.05 -1.36 3.86
C VAL A 135 -31.83 -0.35 2.73
N SER A 136 -30.74 0.41 2.78
CA SER A 136 -30.47 1.47 1.82
C SER A 136 -29.33 1.07 0.90
N GLU A 137 -29.27 1.76 -0.24
CA GLU A 137 -28.15 1.56 -1.16
C GLU A 137 -26.83 1.83 -0.45
N GLU A 138 -26.77 2.88 0.37
CA GLU A 138 -25.54 3.21 1.06
C GLU A 138 -25.13 2.10 2.02
N GLY A 139 -26.11 1.52 2.73
CA GLY A 139 -25.81 0.42 3.63
C GLY A 139 -25.27 -0.79 2.89
N MET A 140 -25.82 -1.06 1.70
CA MET A 140 -25.32 -2.16 0.89
C MET A 140 -23.88 -1.90 0.45
N LYS A 141 -23.59 -0.68 -0.02
CA LYS A 141 -22.26 -0.40 -0.53
C LYS A 141 -21.23 -0.35 0.59
N VAL A 142 -21.61 0.18 1.76
CA VAL A 142 -20.68 0.23 2.87
C VAL A 142 -20.41 -1.16 3.40
N SER A 143 -21.44 -2.01 3.47
CA SER A 143 -21.21 -3.38 3.88
C SER A 143 -20.34 -4.13 2.90
N CYS A 144 -20.61 -3.96 1.59
CA CYS A 144 -19.77 -4.54 0.55
C CYS A 144 -18.32 -4.18 0.76
N THR A 145 -18.05 -2.90 1.02
CA THR A 145 -16.68 -2.45 1.19
C THR A 145 -16.05 -2.99 2.47
N HIS A 146 -16.83 -3.07 3.57
CA HIS A 146 -16.30 -3.70 4.78
C HIS A 146 -15.88 -5.14 4.52
N PHE A 147 -16.70 -5.90 3.78
CA PHE A 147 -16.33 -7.29 3.49
C PHE A 147 -15.09 -7.37 2.59
N GLN A 148 -14.93 -6.42 1.67
CA GLN A 148 -13.71 -6.39 0.86
C GLN A 148 -12.50 -5.99 1.70
N CYS A 149 -12.68 -5.08 2.66
CA CYS A 149 -11.59 -4.76 3.58
C CYS A 149 -11.24 -5.96 4.44
N ALA A 150 -12.24 -6.70 4.90
CA ALA A 150 -11.99 -7.91 5.67
C ALA A 150 -11.20 -8.92 4.84
N ALA A 151 -11.63 -9.18 3.60
CA ALA A 151 -10.87 -10.07 2.74
C ALA A 151 -9.44 -9.57 2.54
N GLY A 152 -9.27 -8.26 2.39
CA GLY A 152 -7.94 -7.71 2.20
C GLY A 152 -7.03 -7.95 3.39
N ALA A 153 -7.55 -7.77 4.59
CA ALA A 153 -6.76 -8.02 5.80
C ALA A 153 -6.38 -9.49 5.90
N PHE A 154 -7.34 -10.39 5.70
CA PHE A 154 -7.04 -11.82 5.77
C PHE A 154 -6.09 -12.24 4.65
N ALA A 155 -6.24 -11.67 3.46
CA ALA A 155 -5.34 -11.99 2.34
C ALA A 155 -3.93 -11.47 2.60
N TYR A 156 -3.80 -10.26 3.12
CA TYR A 156 -2.48 -9.75 3.47
C TYR A 156 -1.81 -10.63 4.51
N LEU A 157 -2.57 -11.02 5.55
CA LEU A 157 -2.07 -11.92 6.58
C LEU A 157 -1.57 -13.22 5.96
N ARG A 158 -2.39 -13.82 5.08
CA ARG A 158 -2.03 -15.10 4.46
C ARG A 158 -0.73 -14.99 3.66
N GLU A 159 -0.53 -13.89 2.92
N GLU A 159 -0.52 -13.87 2.97
CA GLU A 159 0.64 -13.81 2.06
CA GLU A 159 0.61 -13.77 2.06
C GLU A 159 1.90 -13.46 2.85
C GLU A 159 1.90 -13.38 2.77
N HIS A 160 1.82 -12.45 3.72
CA HIS A 160 3.02 -11.89 4.34
C HIS A 160 3.35 -12.50 5.69
N PHE A 161 2.47 -13.33 6.24
CA PHE A 161 2.77 -14.12 7.43
C PHE A 161 2.53 -15.59 7.10
N PRO A 162 3.31 -16.14 6.18
CA PRO A 162 2.94 -17.42 5.54
C PRO A 162 3.15 -18.64 6.41
N GLN A 163 3.82 -18.51 7.54
CA GLN A 163 3.96 -19.61 8.49
C GLN A 163 3.01 -19.31 9.64
N ALA A 164 1.98 -20.13 9.77
CA ALA A 164 0.92 -19.87 10.74
C ALA A 164 1.45 -19.94 12.17
N TYR A 165 1.18 -18.89 12.94
CA TYR A 165 1.48 -18.86 14.37
C TYR A 165 0.46 -19.63 15.20
N SER A 166 -0.76 -19.80 14.70
CA SER A 166 -1.78 -20.57 15.39
C SER A 166 -2.79 -21.04 14.35
N VAL A 167 -3.51 -22.11 14.72
CA VAL A 167 -4.36 -22.82 13.76
C VAL A 167 -5.52 -21.95 13.28
N ASP A 168 -5.92 -20.93 14.04
CA ASP A 168 -6.96 -20.03 13.57
C ASP A 168 -6.45 -19.08 12.48
N MET A 169 -5.16 -19.06 12.22
CA MET A 169 -4.58 -18.22 11.17
C MET A 169 -3.83 -19.06 10.13
N SER A 170 -4.15 -20.34 10.01
CA SER A 170 -3.55 -21.20 9.01
C SER A 170 -3.93 -20.75 7.60
N ARG A 171 -3.10 -21.16 6.64
CA ARG A 171 -3.34 -20.78 5.25
C ARG A 171 -4.73 -21.23 4.78
N GLN A 172 -5.13 -22.46 5.12
CA GLN A 172 -6.40 -22.95 4.63
C GLN A 172 -7.58 -22.25 5.31
N ILE A 173 -7.44 -21.88 6.58
CA ILE A 173 -8.53 -21.17 7.25
C ILE A 173 -8.63 -19.74 6.73
N LEU A 174 -7.49 -19.09 6.50
CA LEU A 174 -7.52 -17.74 5.96
C LEU A 174 -8.10 -17.73 4.55
N THR A 175 -7.85 -18.78 3.77
CA THR A 175 -8.43 -18.88 2.44
C THR A 175 -9.95 -19.03 2.52
N LEU A 176 -10.44 -19.84 3.46
CA LEU A 176 -11.87 -19.89 3.74
C LEU A 176 -12.39 -18.49 4.07
N ASN A 177 -11.70 -17.79 4.96
CA ASN A 177 -12.15 -16.46 5.35
C ASN A 177 -12.22 -15.52 4.16
N VAL A 178 -11.19 -15.52 3.30
CA VAL A 178 -11.18 -14.62 2.16
C VAL A 178 -12.37 -14.92 1.24
N ASN A 179 -12.60 -16.20 0.96
CA ASN A 179 -13.69 -16.58 0.05
C ASN A 179 -15.06 -16.25 0.64
N LEU A 180 -15.24 -16.46 1.94
CA LEU A 180 -16.49 -16.08 2.57
C LEU A 180 -16.71 -14.58 2.50
N MET A 181 -15.67 -13.80 2.79
CA MET A 181 -15.82 -12.35 2.77
C MET A 181 -16.08 -11.84 1.36
N LEU A 182 -15.42 -12.41 0.36
CA LEU A 182 -15.67 -12.01 -1.02
C LEU A 182 -17.07 -12.42 -1.47
N GLY A 183 -17.53 -13.60 -1.08
CA GLY A 183 -18.89 -13.98 -1.36
C GLY A 183 -19.90 -13.01 -0.75
N GLN A 184 -19.65 -12.61 0.50
CA GLN A 184 -20.57 -11.68 1.15
C GLN A 184 -20.51 -10.29 0.52
N ALA A 185 -19.31 -9.83 0.13
CA ALA A 185 -19.21 -8.55 -0.57
C ALA A 185 -19.98 -8.61 -1.88
N GLN A 186 -19.82 -9.70 -2.64
CA GLN A 186 -20.52 -9.84 -3.91
C GLN A 186 -22.03 -9.93 -3.70
N GLU A 187 -22.48 -10.53 -2.60
CA GLU A 187 -23.90 -10.59 -2.29
C GLU A 187 -24.45 -9.19 -2.02
N CYS A 188 -23.70 -8.37 -1.29
CA CYS A 188 -24.12 -6.99 -1.07
C CYS A 188 -24.20 -6.23 -2.38
N LEU A 189 -23.22 -6.45 -3.28
CA LEU A 189 -23.26 -5.79 -4.58
C LEU A 189 -24.47 -6.27 -5.38
N LEU A 190 -24.80 -7.56 -5.29
CA LEU A 190 -25.99 -8.07 -5.95
C LEU A 190 -27.24 -7.33 -5.47
N GLU A 191 -27.38 -7.14 -4.16
CA GLU A 191 -28.53 -6.43 -3.63
C GLU A 191 -28.62 -5.01 -4.19
N LYS A 192 -27.48 -4.32 -4.28
CA LYS A 192 -27.48 -2.99 -4.89
C LYS A 192 -27.88 -3.05 -6.36
N SER A 193 -27.38 -4.05 -7.10
CA SER A 193 -27.73 -4.17 -8.51
C SER A 193 -29.22 -4.46 -8.70
N MET A 194 -29.86 -5.10 -7.73
CA MET A 194 -31.31 -5.30 -7.85
C MET A 194 -32.07 -4.07 -7.39
N LEU A 195 -31.58 -3.39 -6.35
CA LEU A 195 -32.15 -2.12 -5.94
C LEU A 195 -32.09 -1.10 -7.08
N ASP A 196 -30.96 -1.08 -7.81
CA ASP A 196 -30.76 -0.18 -8.95
C ASP A 196 -31.58 -0.58 -10.17
N ASN A 197 -32.23 -1.75 -10.16
CA ASN A 197 -32.89 -2.31 -11.34
C ASN A 197 -31.94 -2.36 -12.55
N ARG A 198 -30.76 -2.94 -12.34
CA ARG A 198 -29.83 -3.15 -13.44
C ARG A 198 -30.37 -4.23 -14.39
N LYS A 199 -29.75 -4.30 -15.57
CA LYS A 199 -30.15 -5.25 -16.59
C LYS A 199 -30.10 -6.69 -16.06
N SER A 200 -31.03 -7.50 -16.56
CA SER A 200 -31.21 -8.85 -16.01
C SER A 200 -29.96 -9.69 -16.18
N PHE A 201 -29.28 -9.59 -17.33
N PHE A 201 -29.29 -9.60 -17.33
CA PHE A 201 -28.09 -10.41 -17.54
CA PHE A 201 -28.08 -10.39 -17.56
C PHE A 201 -26.97 -10.05 -16.59
C PHE A 201 -27.00 -10.06 -16.54
N LEU A 202 -26.87 -8.77 -16.21
CA LEU A 202 -25.87 -8.37 -15.23
C LEU A 202 -26.20 -8.92 -13.86
N VAL A 203 -27.47 -8.80 -13.45
CA VAL A 203 -27.88 -9.37 -12.16
C VAL A 203 -27.60 -10.85 -12.13
N ALA A 204 -27.90 -11.55 -13.23
CA ALA A 204 -27.66 -12.99 -13.32
C ALA A 204 -26.18 -13.31 -13.14
N ARG A 205 -25.30 -12.57 -13.81
CA ARG A 205 -23.86 -12.85 -13.73
C ARG A 205 -23.32 -12.51 -12.34
N ILE A 206 -23.82 -11.45 -11.71
CA ILE A 206 -23.37 -11.11 -10.37
C ILE A 206 -23.79 -12.20 -9.39
N SER A 207 -25.01 -12.73 -9.54
CA SER A 207 -25.48 -13.76 -8.63
C SER A 207 -24.74 -15.08 -8.86
N ALA A 208 -24.46 -15.39 -10.12
CA ALA A 208 -23.67 -16.59 -10.42
C ALA A 208 -22.32 -16.55 -9.74
N GLN A 209 -21.74 -15.35 -9.58
CA GLN A 209 -20.45 -15.23 -8.92
C GLN A 209 -20.60 -15.39 -7.40
N VAL A 210 -21.69 -14.89 -6.82
CA VAL A 210 -21.98 -15.20 -5.42
C VAL A 210 -21.92 -16.70 -5.21
N VAL A 211 -22.58 -17.46 -6.09
CA VAL A 211 -22.59 -18.91 -5.99
C VAL A 211 -21.17 -19.47 -6.03
N ASP A 212 -20.35 -18.96 -6.95
CA ASP A 212 -19.00 -19.50 -7.10
C ASP A 212 -18.16 -19.28 -5.85
N TYR A 213 -18.26 -18.09 -5.24
CA TYR A 213 -17.51 -17.84 -4.01
C TYR A 213 -17.96 -18.77 -2.90
N TYR A 214 -19.28 -18.94 -2.77
CA TYR A 214 -19.80 -19.79 -1.71
C TYR A 214 -19.50 -21.26 -1.96
N LYS A 215 -19.45 -21.69 -3.22
CA LYS A 215 -19.03 -23.06 -3.51
C LYS A 215 -17.58 -23.28 -3.06
N GLU A 216 -16.72 -22.28 -3.25
CA GLU A 216 -15.34 -22.38 -2.80
C GLU A 216 -15.24 -22.40 -1.29
N ALA A 217 -16.05 -21.59 -0.60
CA ALA A 217 -16.07 -21.64 0.85
C ALA A 217 -16.61 -22.98 1.34
N CYS A 218 -17.63 -23.51 0.65
CA CYS A 218 -18.22 -24.77 1.08
C CYS A 218 -17.20 -25.90 0.98
N ARG A 219 -16.42 -25.94 -0.10
CA ARG A 219 -15.37 -26.95 -0.24
C ARG A 219 -14.38 -26.86 0.92
N ALA A 220 -13.99 -25.64 1.28
CA ALA A 220 -13.08 -25.47 2.41
C ALA A 220 -13.70 -25.95 3.71
N LEU A 221 -15.01 -25.73 3.88
CA LEU A 221 -15.66 -26.11 5.12
C LEU A 221 -15.75 -27.62 5.25
N GLU A 222 -15.74 -28.34 4.13
CA GLU A 222 -15.77 -29.79 4.17
C GLU A 222 -14.41 -30.39 4.48
N ASN A 223 -13.36 -29.59 4.57
CA ASN A 223 -12.04 -30.09 4.91
C ASN A 223 -12.04 -30.62 6.35
N PRO A 224 -11.59 -31.86 6.59
CA PRO A 224 -11.72 -32.44 7.94
C PRO A 224 -11.03 -31.66 9.04
N ASP A 225 -9.88 -31.06 8.76
CA ASP A 225 -9.17 -30.32 9.81
C ASP A 225 -9.89 -29.01 10.13
N THR A 226 -10.39 -28.32 9.10
CA THR A 226 -11.22 -27.14 9.32
C THR A 226 -12.45 -27.48 10.13
N ALA A 227 -13.13 -28.56 9.74
CA ALA A 227 -14.34 -28.98 10.47
C ALA A 227 -14.03 -29.29 11.93
N SER A 228 -12.93 -30.00 12.19
CA SER A 228 -12.61 -30.35 13.57
C SER A 228 -12.24 -29.11 14.39
N LEU A 229 -11.49 -28.18 13.79
CA LEU A 229 -11.10 -26.96 14.48
C LEU A 229 -12.30 -26.05 14.75
N LEU A 230 -13.11 -25.78 13.71
CA LEU A 230 -14.27 -24.91 13.89
C LEU A 230 -15.38 -25.60 14.67
N GLY A 231 -15.45 -26.92 14.61
CA GLY A 231 -16.47 -27.63 15.36
C GLY A 231 -17.87 -27.22 14.92
N ARG A 232 -18.70 -26.81 15.88
CA ARG A 232 -20.07 -26.46 15.56
C ARG A 232 -20.18 -25.18 14.74
N ILE A 233 -19.16 -24.32 14.77
CA ILE A 233 -19.14 -23.17 13.86
C ILE A 233 -19.14 -23.64 12.41
N GLN A 234 -18.41 -24.73 12.13
CA GLN A 234 -18.41 -25.25 10.76
C GLN A 234 -19.79 -25.74 10.36
N LYS A 235 -20.51 -26.38 11.29
CA LYS A 235 -21.86 -26.84 10.98
C LYS A 235 -22.78 -25.68 10.68
N ASP A 236 -22.72 -24.64 11.52
CA ASP A 236 -23.55 -23.45 11.32
C ASP A 236 -23.20 -22.75 10.01
N TRP A 237 -21.91 -22.49 9.76
CA TRP A 237 -21.53 -21.79 8.54
C TRP A 237 -21.93 -22.59 7.31
N LYS A 238 -21.69 -23.91 7.33
CA LYS A 238 -21.95 -24.74 6.16
C LYS A 238 -23.44 -24.76 5.84
N LYS A 239 -24.30 -24.80 6.86
CA LYS A 239 -25.74 -24.79 6.59
C LYS A 239 -26.16 -23.49 5.90
N LEU A 240 -25.65 -22.36 6.37
CA LEU A 240 -26.01 -21.08 5.75
C LEU A 240 -25.45 -21.01 4.33
N VAL A 241 -24.19 -21.37 4.16
CA VAL A 241 -23.54 -21.26 2.86
C VAL A 241 -24.19 -22.20 1.85
N GLN A 242 -24.50 -23.44 2.27
CA GLN A 242 -25.08 -24.39 1.33
C GLN A 242 -26.45 -23.91 0.87
N MET A 243 -27.22 -23.32 1.78
CA MET A 243 -28.51 -22.76 1.45
C MET A 243 -28.35 -21.60 0.47
N LYS A 244 -27.38 -20.72 0.71
CA LYS A 244 -27.16 -19.57 -0.17
C LYS A 244 -26.67 -20.01 -1.55
N ILE A 245 -25.94 -21.12 -1.64
CA ILE A 245 -25.54 -21.61 -2.96
C ILE A 245 -26.76 -21.85 -3.83
N TYR A 246 -27.75 -22.54 -3.30
CA TYR A 246 -28.93 -22.82 -4.10
C TYR A 246 -29.81 -21.59 -4.25
N TYR A 247 -29.89 -20.74 -3.22
CA TYR A 247 -30.70 -19.53 -3.34
C TYR A 247 -30.17 -18.62 -4.45
N PHE A 248 -28.88 -18.33 -4.45
CA PHE A 248 -28.37 -17.41 -5.45
C PHE A 248 -28.22 -18.05 -6.83
N ALA A 249 -28.18 -19.38 -6.92
CA ALA A 249 -28.32 -20.02 -8.21
C ALA A 249 -29.73 -19.84 -8.76
N ALA A 250 -30.73 -19.93 -7.87
CA ALA A 250 -32.11 -19.65 -8.27
C ALA A 250 -32.26 -18.22 -8.76
N VAL A 251 -31.66 -17.26 -8.05
CA VAL A 251 -31.73 -15.86 -8.46
C VAL A 251 -31.06 -15.67 -9.81
N ALA A 252 -29.92 -16.35 -10.04
CA ALA A 252 -29.24 -16.25 -11.32
C ALA A 252 -30.14 -16.75 -12.46
N HIS A 253 -30.78 -17.89 -12.26
CA HIS A 253 -31.59 -18.42 -13.34
C HIS A 253 -32.92 -17.69 -13.49
N LEU A 254 -33.47 -17.15 -12.40
CA LEU A 254 -34.60 -16.24 -12.52
C LEU A 254 -34.26 -15.09 -13.48
N HIS A 255 -33.09 -14.46 -13.30
CA HIS A 255 -32.76 -13.33 -14.16
C HIS A 255 -32.34 -13.73 -15.57
N MET A 256 -31.84 -14.95 -15.77
CA MET A 256 -31.64 -15.45 -17.12
C MET A 256 -32.97 -15.67 -17.82
N GLY A 257 -33.97 -16.16 -17.08
CA GLY A 257 -35.31 -16.30 -17.66
C GLY A 257 -35.93 -14.95 -18.01
N LYS A 258 -35.63 -13.92 -17.21
CA LYS A 258 -36.09 -12.58 -17.54
C LYS A 258 -35.40 -12.05 -18.80
N GLN A 259 -34.09 -12.32 -18.95
CA GLN A 259 -33.43 -11.97 -20.19
C GLN A 259 -34.06 -12.70 -21.36
N ALA A 260 -34.36 -13.99 -21.19
CA ALA A 260 -35.05 -14.74 -22.25
C ALA A 260 -36.40 -14.10 -22.58
N GLU A 261 -37.16 -13.72 -21.57
CA GLU A 261 -38.44 -13.04 -21.78
C GLU A 261 -38.24 -11.77 -22.61
N GLU A 262 -37.21 -10.99 -22.30
CA GLU A 262 -36.98 -9.73 -22.99
C GLU A 262 -36.62 -9.96 -24.45
N GLN A 263 -36.01 -11.10 -24.76
CA GLN A 263 -35.64 -11.46 -26.13
C GLN A 263 -36.69 -12.33 -26.81
N GLN A 264 -37.86 -12.48 -26.21
CA GLN A 264 -38.94 -13.29 -26.77
C GLN A 264 -38.52 -14.72 -27.03
N LYS A 265 -37.62 -15.24 -26.20
CA LYS A 265 -37.26 -16.66 -26.22
C LYS A 265 -38.12 -17.36 -25.17
N PHE A 266 -39.37 -17.63 -25.54
CA PHE A 266 -40.37 -18.05 -24.55
C PHE A 266 -40.22 -19.50 -24.14
N GLY A 267 -39.59 -20.34 -24.96
CA GLY A 267 -39.27 -21.68 -24.51
C GLY A 267 -38.10 -21.69 -23.55
N GLU A 268 -37.08 -20.87 -23.84
CA GLU A 268 -35.96 -20.73 -22.91
C GLU A 268 -36.39 -20.13 -21.58
N ARG A 269 -37.37 -19.22 -21.61
CA ARG A 269 -37.90 -18.65 -20.38
C ARG A 269 -38.45 -19.73 -19.45
N VAL A 270 -39.22 -20.67 -19.99
CA VAL A 270 -39.74 -21.77 -19.18
C VAL A 270 -38.60 -22.56 -18.56
N ALA A 271 -37.57 -22.88 -19.35
CA ALA A 271 -36.47 -23.71 -18.87
C ALA A 271 -35.73 -23.03 -17.71
N TYR A 272 -35.45 -21.74 -17.83
CA TYR A 272 -34.75 -21.06 -16.74
C TYR A 272 -35.62 -20.90 -15.51
N PHE A 273 -36.90 -20.58 -15.69
CA PHE A 273 -37.78 -20.42 -14.52
C PHE A 273 -38.00 -21.75 -13.82
N GLN A 274 -38.11 -22.84 -14.59
CA GLN A 274 -38.21 -24.17 -13.99
C GLN A 274 -36.97 -24.50 -13.17
N SER A 275 -35.80 -24.24 -13.74
CA SER A 275 -34.55 -24.43 -13.02
C SER A 275 -34.49 -23.56 -11.78
N ALA A 276 -34.87 -22.28 -11.91
CA ALA A 276 -34.88 -21.39 -10.76
C ALA A 276 -35.78 -21.94 -9.66
N LEU A 277 -36.97 -22.42 -10.01
CA LEU A 277 -37.88 -22.94 -9.00
C LEU A 277 -37.31 -24.18 -8.34
N ASP A 278 -36.69 -25.09 -9.11
CA ASP A 278 -36.08 -26.28 -8.52
C ASP A 278 -34.97 -25.91 -7.54
N LYS A 279 -34.14 -24.93 -7.92
CA LYS A 279 -33.07 -24.49 -7.04
C LYS A 279 -33.63 -23.83 -5.79
N LEU A 280 -34.66 -22.99 -5.93
CA LEU A 280 -35.27 -22.38 -4.76
C LEU A 280 -35.87 -23.45 -3.84
N ASN A 281 -36.51 -24.47 -4.42
CA ASN A 281 -37.07 -25.53 -3.60
C ASN A 281 -35.99 -26.22 -2.78
N GLU A 282 -34.80 -26.43 -3.37
CA GLU A 282 -33.71 -27.02 -2.63
C GLU A 282 -33.22 -26.08 -1.53
N ALA A 283 -33.12 -24.78 -1.83
CA ALA A 283 -32.75 -23.80 -0.81
C ALA A 283 -33.71 -23.85 0.37
N ILE A 284 -35.00 -24.03 0.10
CA ILE A 284 -36.00 -24.08 1.17
C ILE A 284 -35.78 -25.30 2.04
N LYS A 285 -35.54 -26.46 1.42
CA LYS A 285 -35.23 -27.67 2.19
C LYS A 285 -33.99 -27.46 3.03
N LEU A 286 -32.96 -26.85 2.45
CA LEU A 286 -31.72 -26.62 3.17
C LEU A 286 -31.84 -25.55 4.25
N ALA A 287 -32.91 -24.78 4.26
CA ALA A 287 -33.06 -23.66 5.20
C ALA A 287 -33.81 -24.05 6.47
N LYS A 288 -34.13 -25.33 6.66
CA LYS A 288 -34.82 -25.75 7.87
C LYS A 288 -34.01 -25.30 9.08
N GLY A 289 -34.68 -24.67 10.03
CA GLY A 289 -34.06 -24.18 11.23
C GLY A 289 -33.47 -22.78 11.13
N GLN A 290 -33.36 -22.22 9.93
CA GLN A 290 -32.79 -20.91 9.78
C GLN A 290 -33.73 -19.85 10.33
N PRO A 291 -33.20 -18.69 10.70
CA PRO A 291 -34.04 -17.65 11.30
C PRO A 291 -35.05 -17.09 10.31
N ASP A 292 -36.03 -16.40 10.87
CA ASP A 292 -37.12 -15.84 10.07
C ASP A 292 -36.62 -14.85 9.01
N THR A 293 -35.46 -14.22 9.23
CA THR A 293 -34.90 -13.40 8.16
C THR A 293 -34.67 -14.22 6.89
N VAL A 294 -34.10 -15.43 7.04
CA VAL A 294 -33.91 -16.31 5.90
C VAL A 294 -35.26 -16.75 5.34
N GLN A 295 -36.16 -17.19 6.21
CA GLN A 295 -37.43 -17.73 5.74
C GLN A 295 -38.23 -16.66 4.97
N ASP A 296 -38.19 -15.41 5.45
CA ASP A 296 -38.91 -14.34 4.76
C ASP A 296 -38.35 -14.09 3.36
N ALA A 297 -37.02 -14.09 3.23
CA ALA A 297 -36.41 -13.91 1.92
C ALA A 297 -36.80 -15.03 0.97
N LEU A 298 -36.77 -16.27 1.45
CA LEU A 298 -37.17 -17.40 0.62
C LEU A 298 -38.64 -17.29 0.23
N ARG A 299 -39.49 -16.90 1.18
N ARG A 299 -39.50 -16.90 1.17
CA ARG A 299 -40.93 -16.82 0.93
CA ARG A 299 -40.94 -16.85 0.89
C ARG A 299 -41.25 -15.77 -0.13
C ARG A 299 -41.24 -15.78 -0.15
N PHE A 300 -40.65 -14.59 -0.01
CA PHE A 300 -40.88 -13.52 -0.98
C PHE A 300 -40.36 -13.93 -2.34
N THR A 301 -39.21 -14.62 -2.39
CA THR A 301 -38.67 -15.06 -3.66
C THR A 301 -39.55 -16.14 -4.29
N MET A 302 -40.13 -17.02 -3.47
CA MET A 302 -41.04 -18.04 -3.98
C MET A 302 -42.26 -17.43 -4.63
N ASP A 303 -42.80 -16.36 -4.03
CA ASP A 303 -43.87 -15.61 -4.68
C ASP A 303 -43.49 -15.26 -6.11
N VAL A 304 -42.31 -14.68 -6.29
CA VAL A 304 -41.89 -14.23 -7.61
C VAL A 304 -41.70 -15.42 -8.56
N ILE A 305 -40.90 -16.40 -8.13
CA ILE A 305 -40.46 -17.44 -9.05
C ILE A 305 -41.59 -18.42 -9.33
N GLY A 306 -42.35 -18.82 -8.31
CA GLY A 306 -43.46 -19.73 -8.53
C GLY A 306 -44.49 -19.18 -9.49
N GLY A 307 -44.81 -17.89 -9.35
CA GLY A 307 -45.81 -17.29 -10.22
C GLY A 307 -45.31 -17.11 -11.63
N LYS A 308 -44.04 -16.71 -11.78
CA LYS A 308 -43.47 -16.49 -13.11
C LYS A 308 -43.33 -17.81 -13.86
N TYR A 309 -42.94 -18.88 -13.17
CA TYR A 309 -42.84 -20.17 -13.84
C TYR A 309 -44.21 -20.65 -14.33
N ASN A 310 -45.21 -20.62 -13.46
CA ASN A 310 -46.55 -21.04 -13.88
C ASN A 310 -47.05 -20.23 -15.05
N SER A 311 -46.87 -18.90 -15.01
CA SER A 311 -47.32 -18.05 -16.11
C SER A 311 -46.56 -18.33 -17.39
N ALA A 312 -45.24 -18.55 -17.27
CA ALA A 312 -44.41 -18.81 -18.45
C ALA A 312 -44.75 -20.15 -19.09
N LYS A 313 -44.99 -21.17 -18.28
CA LYS A 313 -45.32 -22.49 -18.84
C LYS A 313 -46.69 -22.45 -19.48
N LYS A 314 -47.65 -21.77 -18.86
CA LYS A 314 -48.98 -21.64 -19.45
C LYS A 314 -48.90 -20.87 -20.76
N ASP A 315 -48.15 -19.77 -20.80
CA ASP A 315 -48.03 -19.00 -22.04
C ASP A 315 -47.38 -19.83 -23.15
N ASN A 316 -46.34 -20.61 -22.82
CA ASN A 316 -45.70 -21.40 -23.86
C ASN A 316 -46.58 -22.57 -24.31
N ASP A 317 -47.27 -23.23 -23.36
CA ASP A 317 -48.08 -24.38 -23.72
C ASP A 317 -49.23 -24.00 -24.65
N PHE A 318 -49.84 -22.81 -24.45
CA PHE A 318 -51.07 -22.49 -25.14
C PHE A 318 -50.98 -21.29 -26.09
N ILE A 319 -49.84 -20.62 -26.17
CA ILE A 319 -49.71 -19.46 -27.06
C ILE A 319 -48.51 -19.60 -27.98
N TYR A 320 -47.30 -19.71 -27.41
CA TYR A 320 -46.09 -19.60 -28.21
C TYR A 320 -45.59 -20.92 -28.76
N HIS A 321 -45.81 -22.03 -28.04
CA HIS A 321 -45.47 -23.37 -28.51
C HIS A 321 -44.00 -23.48 -28.93
N GLU A 322 -43.11 -22.92 -28.13
CA GLU A 322 -41.69 -23.02 -28.42
C GLU A 322 -41.09 -24.22 -27.70
N ALA A 323 -40.04 -24.77 -28.29
CA ALA A 323 -39.33 -25.87 -27.64
C ALA A 323 -38.73 -25.38 -26.34
N VAL A 324 -38.80 -26.23 -25.31
CA VAL A 324 -38.21 -25.94 -24.01
C VAL A 324 -36.85 -26.66 -23.96
N PRO A 325 -35.74 -25.94 -23.97
CA PRO A 325 -34.44 -26.62 -24.01
C PRO A 325 -34.16 -27.38 -22.73
N ALA A 326 -33.47 -28.50 -22.88
CA ALA A 326 -32.93 -29.20 -21.71
C ALA A 326 -31.87 -28.31 -21.07
N LEU A 327 -31.73 -28.44 -19.76
CA LEU A 327 -30.87 -27.50 -19.05
C LEU A 327 -29.43 -27.57 -19.59
N ASP A 328 -28.95 -28.77 -19.89
CA ASP A 328 -27.55 -28.94 -20.28
C ASP A 328 -27.23 -28.40 -21.68
N THR A 329 -28.22 -28.00 -22.49
CA THR A 329 -27.91 -27.51 -23.81
C THR A 329 -27.60 -26.01 -23.84
N LEU A 330 -27.83 -25.28 -22.77
CA LEU A 330 -27.60 -23.84 -22.74
C LEU A 330 -26.24 -23.53 -22.15
N GLN A 331 -25.72 -22.36 -22.52
CA GLN A 331 -24.40 -21.94 -22.02
C GLN A 331 -24.54 -21.56 -20.55
N PRO A 332 -23.73 -22.14 -19.65
CA PRO A 332 -23.84 -21.77 -18.24
C PRO A 332 -23.63 -20.28 -18.04
N VAL A 333 -24.15 -19.77 -16.93
CA VAL A 333 -23.97 -18.37 -16.58
C VAL A 333 -22.56 -18.20 -16.02
N LYS A 334 -21.78 -17.31 -16.61
CA LYS A 334 -20.43 -17.06 -16.10
C LYS A 334 -20.47 -15.95 -15.06
N GLY A 335 -19.87 -16.20 -13.90
CA GLY A 335 -19.84 -15.20 -12.86
C GLY A 335 -19.13 -13.93 -13.30
N ALA A 336 -19.55 -12.81 -12.71
CA ALA A 336 -18.91 -11.51 -12.89
C ALA A 336 -18.34 -11.07 -11.54
N PRO A 337 -17.10 -11.44 -11.23
CA PRO A 337 -16.48 -10.96 -9.97
C PRO A 337 -16.18 -9.48 -10.03
N LEU A 338 -16.84 -8.72 -9.16
CA LEU A 338 -16.70 -7.27 -9.10
C LEU A 338 -16.26 -6.81 -7.72
N VAL A 339 -15.78 -7.72 -6.90
CA VAL A 339 -15.22 -7.41 -5.60
C VAL A 339 -13.81 -7.99 -5.55
N LYS A 340 -13.00 -7.46 -4.64
CA LYS A 340 -11.64 -7.94 -4.50
C LYS A 340 -11.17 -7.65 -3.09
N PRO A 341 -10.16 -8.36 -2.60
CA PRO A 341 -9.53 -7.98 -1.32
C PRO A 341 -8.87 -6.62 -1.46
N LEU A 342 -9.27 -5.68 -0.62
CA LEU A 342 -8.72 -4.36 -0.87
C LEU A 342 -7.30 -4.28 -0.31
N PRO A 343 -6.36 -3.68 -1.05
CA PRO A 343 -4.95 -3.74 -0.66
C PRO A 343 -4.70 -3.06 0.68
N VAL A 344 -3.75 -3.62 1.43
CA VAL A 344 -3.35 -3.11 2.74
C VAL A 344 -1.91 -2.63 2.63
N ASN A 345 -1.63 -1.44 3.17
CA ASN A 345 -0.26 -0.94 3.32
C ASN A 345 -0.04 -0.62 4.79
N PRO A 346 0.55 -1.53 5.57
CA PRO A 346 0.61 -1.30 7.02
C PRO A 346 1.38 -0.06 7.43
N THR A 347 2.31 0.45 6.61
CA THR A 347 3.16 1.57 7.00
C THR A 347 2.83 2.84 6.23
N ASP A 348 1.62 2.95 5.73
CA ASP A 348 1.19 4.18 5.07
C ASP A 348 1.08 5.29 6.10
N PRO A 349 1.85 6.38 6.00
CA PRO A 349 1.80 7.40 7.06
C PRO A 349 0.44 8.00 7.26
N ALA A 350 -0.43 7.92 6.26
CA ALA A 350 -1.81 8.40 6.40
C ALA A 350 -2.57 7.62 7.47
N VAL A 351 -2.24 6.33 7.67
CA VAL A 351 -2.97 5.52 8.65
C VAL A 351 -2.16 5.36 9.93
N THR A 352 -0.84 5.43 9.84
CA THR A 352 -0.02 5.25 11.04
C THR A 352 0.14 6.53 11.83
N GLY A 353 0.04 7.68 11.19
CA GLY A 353 0.48 8.91 11.79
C GLY A 353 2.00 8.91 11.92
N PRO A 354 2.54 9.89 12.64
CA PRO A 354 3.99 9.94 12.84
C PRO A 354 4.52 8.72 13.58
N ASP A 355 5.76 8.35 13.24
CA ASP A 355 6.46 7.22 13.85
C ASP A 355 6.73 7.53 15.32
N ILE A 356 6.17 6.72 16.22
CA ILE A 356 6.34 6.98 17.65
C ILE A 356 7.81 6.99 18.03
N PHE A 357 8.61 6.11 17.41
CA PHE A 357 10.00 5.91 17.80
C PHE A 357 10.97 6.64 16.87
N ALA A 358 10.54 7.74 16.27
CA ALA A 358 11.39 8.47 15.32
C ALA A 358 12.70 8.91 15.97
N LYS A 359 12.70 9.15 17.28
CA LYS A 359 13.91 9.59 17.98
C LYS A 359 14.90 8.47 18.22
N LEU A 360 14.50 7.20 18.05
CA LEU A 360 15.36 6.06 18.37
C LEU A 360 16.13 5.65 17.12
N VAL A 361 17.42 5.98 17.08
CA VAL A 361 18.25 5.63 15.94
C VAL A 361 19.73 5.81 16.31
N ASP B 2 -9.91 6.29 6.18
CA ASP B 2 -11.32 6.54 5.92
C ASP B 2 -11.54 7.15 4.53
N SER B 3 -10.53 7.88 4.02
CA SER B 3 -10.62 8.41 2.67
C SER B 3 -10.47 7.28 1.65
N TYR B 4 -9.60 6.32 1.93
CA TYR B 4 -9.47 5.14 1.08
C TYR B 4 -10.79 4.36 1.03
N PHE B 5 -11.48 4.29 2.16
CA PHE B 5 -12.74 3.54 2.22
C PHE B 5 -13.78 4.18 1.31
N LYS B 6 -13.91 5.51 1.37
CA LYS B 6 -14.93 6.19 0.56
C LYS B 6 -14.67 6.00 -0.92
N ALA B 7 -13.41 5.99 -1.34
CA ALA B 7 -13.11 5.78 -2.76
C ALA B 7 -13.57 4.40 -3.21
N ALA B 8 -13.36 3.37 -2.38
CA ALA B 8 -13.82 2.03 -2.73
C ALA B 8 -15.33 1.99 -2.82
N VAL B 9 -16.01 2.67 -1.90
CA VAL B 9 -17.47 2.75 -1.94
C VAL B 9 -17.91 3.40 -3.25
N SER B 10 -17.31 4.54 -3.57
CA SER B 10 -17.68 5.28 -4.79
C SER B 10 -17.41 4.46 -6.05
N ASP B 11 -16.31 3.71 -6.07
CA ASP B 11 -15.98 2.93 -7.27
C ASP B 11 -17.10 1.96 -7.64
N LEU B 12 -17.89 1.50 -6.66
CA LEU B 12 -18.90 0.49 -6.96
C LEU B 12 -19.92 0.99 -7.98
N ASP B 13 -20.33 2.26 -7.87
CA ASP B 13 -21.24 2.84 -8.86
C ASP B 13 -20.66 2.75 -10.26
N LYS B 14 -19.39 3.11 -10.41
CA LYS B 14 -18.75 3.13 -11.73
C LYS B 14 -18.58 1.73 -12.28
N LEU B 15 -18.27 0.76 -11.40
CA LEU B 15 -18.09 -0.62 -11.85
C LEU B 15 -19.35 -1.16 -12.50
N LEU B 16 -20.51 -0.91 -11.89
CA LEU B 16 -21.75 -1.41 -12.45
C LEU B 16 -22.13 -0.67 -13.73
N ASP B 17 -21.96 0.65 -13.75
CA ASP B 17 -22.25 1.41 -14.96
C ASP B 17 -21.44 0.88 -16.14
N ASP B 18 -20.13 0.73 -15.96
CA ASP B 18 -19.29 0.25 -17.05
C ASP B 18 -19.63 -1.17 -17.43
N PHE B 19 -19.93 -2.03 -16.45
CA PHE B 19 -20.27 -3.41 -16.77
C PHE B 19 -21.61 -3.49 -17.51
N GLU B 20 -22.59 -2.71 -17.05
CA GLU B 20 -23.91 -2.73 -17.68
C GLU B 20 -23.84 -2.25 -19.12
N GLN B 21 -22.98 -1.27 -19.40
CA GLN B 21 -22.87 -0.69 -20.74
C GLN B 21 -24.24 -0.24 -21.26
N ALA C 3 19.53 31.54 6.70
CA ALA C 3 19.63 32.51 5.61
C ALA C 3 20.73 32.13 4.63
N VAL C 4 21.22 30.89 4.74
CA VAL C 4 22.30 30.44 3.85
C VAL C 4 21.74 30.23 2.44
N PRO C 5 22.45 30.63 1.39
CA PRO C 5 22.00 30.27 0.03
C PRO C 5 21.85 28.76 -0.10
N ARG C 6 20.96 28.36 -1.00
CA ARG C 6 20.58 26.95 -1.12
C ARG C 6 21.44 26.27 -2.16
N MET C 7 21.90 25.07 -1.84
CA MET C 7 22.66 24.28 -2.79
C MET C 7 21.75 23.78 -3.91
N PRO C 8 22.29 23.60 -5.11
CA PRO C 8 21.51 22.92 -6.16
C PRO C 8 21.31 21.46 -5.85
N MET C 9 20.27 20.89 -6.46
CA MET C 9 19.87 19.51 -6.25
C MET C 9 19.95 18.71 -7.54
N ILE C 10 20.20 17.42 -7.40
CA ILE C 10 20.25 16.49 -8.51
C ILE C 10 18.83 15.99 -8.80
N TRP C 11 18.51 15.85 -10.08
CA TRP C 11 17.29 15.18 -10.49
C TRP C 11 17.63 14.16 -11.57
N LEU C 12 16.70 13.24 -11.79
CA LEU C 12 16.83 12.19 -12.81
C LEU C 12 15.89 12.52 -13.97
N ASP C 13 16.37 12.26 -15.18
CA ASP C 13 15.56 12.44 -16.37
C ASP C 13 14.56 11.30 -16.52
N LEU C 14 13.44 11.60 -17.14
CA LEU C 14 12.46 10.56 -17.45
C LEU C 14 12.91 9.72 -18.63
N LYS C 15 12.58 8.43 -18.59
CA LYS C 15 12.87 7.53 -19.69
C LYS C 15 11.89 7.73 -20.83
N GLU C 16 12.38 7.49 -22.05
CA GLU C 16 11.59 7.58 -23.27
C GLU C 16 10.97 6.23 -23.59
N ALA C 17 9.67 6.23 -23.88
CA ALA C 17 8.94 5.01 -24.17
C ALA C 17 8.93 4.70 -25.67
N GLY C 18 9.04 3.43 -25.99
CA GLY C 18 8.75 2.89 -27.29
C GLY C 18 7.38 2.27 -27.33
N ASP C 19 7.21 1.28 -28.20
CA ASP C 19 5.89 0.71 -28.47
C ASP C 19 5.51 -0.35 -27.43
N PHE C 20 4.18 -0.45 -27.17
CA PHE C 20 3.59 -1.50 -26.34
C PHE C 20 2.23 -1.79 -26.99
N HIS C 21 2.22 -2.70 -27.97
CA HIS C 21 1.03 -2.97 -28.79
C HIS C 21 0.22 -4.09 -28.15
N PHE C 22 -0.48 -3.73 -27.07
CA PHE C 22 -1.21 -4.73 -26.31
C PHE C 22 -2.57 -5.06 -26.92
N GLN C 23 -3.10 -4.17 -27.76
CA GLN C 23 -4.47 -4.36 -28.26
C GLN C 23 -4.66 -5.69 -28.96
N PRO C 24 -3.86 -6.06 -29.97
CA PRO C 24 -4.10 -7.33 -30.68
C PRO C 24 -3.98 -8.56 -29.79
N ALA C 25 -3.14 -8.50 -28.76
CA ALA C 25 -2.96 -9.67 -27.90
C ALA C 25 -4.15 -9.87 -26.97
N VAL C 26 -4.70 -8.78 -26.44
CA VAL C 26 -5.90 -8.88 -25.61
C VAL C 26 -7.05 -9.46 -26.43
N LYS C 27 -7.25 -8.92 -27.63
CA LYS C 27 -8.33 -9.40 -28.49
C LYS C 27 -8.16 -10.88 -28.80
N LYS C 28 -6.95 -11.29 -29.15
CA LYS C 28 -6.70 -12.69 -29.47
C LYS C 28 -6.90 -13.58 -28.25
N PHE C 29 -6.61 -13.07 -27.05
CA PHE C 29 -6.72 -13.90 -25.85
C PHE C 29 -8.17 -14.22 -25.54
N VAL C 30 -9.05 -13.22 -25.58
CA VAL C 30 -10.45 -13.45 -25.20
C VAL C 30 -11.14 -14.35 -26.21
N LEU C 31 -10.78 -14.26 -27.49
CA LEU C 31 -11.41 -15.11 -28.48
C LEU C 31 -10.98 -16.56 -28.33
N LYS C 32 -9.68 -16.79 -28.13
CA LYS C 32 -9.18 -18.16 -28.03
C LYS C 32 -9.72 -18.85 -26.79
N ASN C 33 -9.56 -18.22 -25.62
CA ASN C 33 -9.85 -18.88 -24.35
C ASN C 33 -11.32 -18.80 -23.95
N TYR C 34 -11.97 -17.66 -24.19
CA TYR C 34 -13.35 -17.46 -23.80
C TYR C 34 -14.32 -17.56 -24.97
N GLY C 35 -13.82 -17.78 -26.19
CA GLY C 35 -14.70 -17.79 -27.34
C GLY C 35 -15.51 -16.53 -27.51
N GLU C 36 -15.07 -15.43 -26.90
CA GLU C 36 -15.80 -14.17 -26.94
C GLU C 36 -15.41 -13.36 -28.16
N ASN C 37 -16.34 -12.51 -28.60
CA ASN C 37 -16.09 -11.58 -29.69
C ASN C 37 -14.85 -10.73 -29.36
N PRO C 38 -13.78 -10.82 -30.15
CA PRO C 38 -12.57 -10.03 -29.82
C PRO C 38 -12.77 -8.53 -29.88
N GLU C 39 -13.87 -8.06 -30.48
CA GLU C 39 -14.16 -6.63 -30.56
C GLU C 39 -14.95 -6.12 -29.37
N ALA C 40 -15.31 -7.02 -28.43
CA ALA C 40 -16.15 -6.63 -27.31
C ALA C 40 -15.44 -5.76 -26.29
N TYR C 41 -14.12 -5.61 -26.38
CA TYR C 41 -13.36 -4.84 -25.39
C TYR C 41 -12.67 -3.65 -26.02
N ASN C 42 -13.21 -3.13 -27.13
CA ASN C 42 -12.60 -1.99 -27.80
C ASN C 42 -12.62 -0.75 -26.91
N GLU C 43 -13.69 -0.55 -26.16
CA GLU C 43 -13.76 0.60 -25.25
C GLU C 43 -12.66 0.53 -24.21
N GLU C 44 -12.50 -0.63 -23.57
CA GLU C 44 -11.46 -0.79 -22.55
C GLU C 44 -10.07 -0.55 -23.13
N LEU C 45 -9.81 -1.12 -24.31
CA LEU C 45 -8.49 -0.98 -24.91
C LEU C 45 -8.19 0.47 -25.28
N LYS C 46 -9.19 1.18 -25.79
CA LYS C 46 -8.97 2.59 -26.12
C LYS C 46 -8.71 3.41 -24.87
N LYS C 47 -9.39 3.09 -23.77
CA LYS C 47 -9.15 3.80 -22.52
C LYS C 47 -7.70 3.65 -22.08
N LEU C 48 -7.19 2.42 -22.09
CA LEU C 48 -5.82 2.19 -21.64
C LEU C 48 -4.81 2.83 -22.58
N GLU C 49 -5.06 2.76 -23.90
CA GLU C 49 -4.16 3.40 -24.86
C GLU C 49 -4.04 4.90 -24.60
N LEU C 50 -5.16 5.56 -24.34
CA LEU C 50 -5.12 7.00 -24.08
C LEU C 50 -4.41 7.29 -22.77
N LEU C 51 -4.59 6.40 -21.79
CA LEU C 51 -3.86 6.56 -20.54
C LEU C 51 -2.36 6.45 -20.76
N ARG C 52 -1.93 5.44 -21.53
CA ARG C 52 -0.50 5.28 -21.82
C ARG C 52 0.06 6.51 -22.52
N GLN C 53 -0.62 6.99 -23.57
CA GLN C 53 -0.10 8.14 -24.31
C GLN C 53 0.06 9.34 -23.40
N ASN C 54 -0.85 9.50 -22.43
CA ASN C 54 -0.70 10.57 -21.45
C ASN C 54 0.50 10.30 -20.55
N ALA C 55 0.70 9.05 -20.14
CA ALA C 55 1.77 8.74 -19.19
C ALA C 55 3.15 8.89 -19.83
N VAL C 56 3.30 8.47 -21.09
CA VAL C 56 4.62 8.52 -21.72
C VAL C 56 4.98 9.91 -22.20
N ARG C 57 4.01 10.84 -22.19
CA ARG C 57 4.26 12.25 -22.44
C ARG C 57 3.75 13.07 -21.27
N VAL C 58 4.17 12.70 -20.06
CA VAL C 58 3.50 13.18 -18.84
C VAL C 58 3.80 14.66 -18.65
N PRO C 59 2.83 15.48 -18.21
CA PRO C 59 3.15 16.84 -17.79
C PRO C 59 4.07 16.85 -16.58
N ARG C 60 5.07 17.74 -16.63
CA ARG C 60 6.08 17.84 -15.57
C ARG C 60 5.53 18.70 -14.42
N ASP C 61 4.52 18.16 -13.76
CA ASP C 61 3.89 18.85 -12.63
C ASP C 61 3.30 17.80 -11.69
N PHE C 62 2.72 18.29 -10.60
CA PHE C 62 2.12 17.37 -9.63
C PHE C 62 1.05 16.50 -10.30
N GLU C 63 0.29 17.07 -11.24
CA GLU C 63 -0.77 16.32 -11.90
C GLU C 63 -0.21 15.14 -12.69
N GLY C 64 1.01 15.28 -13.21
CA GLY C 64 1.64 14.18 -13.93
C GLY C 64 1.93 12.99 -13.05
N CYS C 65 2.22 13.24 -11.76
CA CYS C 65 2.47 12.12 -10.87
C CYS C 65 1.24 11.22 -10.76
N SER C 66 0.05 11.83 -10.67
CA SER C 66 -1.17 11.04 -10.56
C SER C 66 -1.45 10.27 -11.84
N VAL C 67 -1.10 10.85 -12.99
CA VAL C 67 -1.25 10.16 -14.27
C VAL C 67 -0.41 8.90 -14.28
N LEU C 68 0.84 9.01 -13.82
CA LEU C 68 1.72 7.84 -13.83
C LEU C 68 1.22 6.77 -12.88
N ARG C 69 0.79 7.15 -11.67
CA ARG C 69 0.32 6.16 -10.72
C ARG C 69 -0.92 5.45 -11.23
N LYS C 70 -1.83 6.19 -11.84
CA LYS C 70 -3.06 5.60 -12.37
C LYS C 70 -2.75 4.61 -13.46
N TYR C 71 -1.90 5.00 -14.41
CA TYR C 71 -1.50 4.07 -15.45
C TYR C 71 -0.81 2.85 -14.85
N LEU C 72 0.10 3.07 -13.90
CA LEU C 72 0.77 1.95 -13.25
C LEU C 72 -0.22 0.96 -12.66
N GLY C 73 -1.25 1.45 -11.98
CA GLY C 73 -2.22 0.55 -11.35
C GLY C 73 -3.07 -0.18 -12.37
N GLN C 74 -3.52 0.53 -13.41
CA GLN C 74 -4.30 -0.12 -14.46
C GLN C 74 -3.48 -1.21 -15.16
N LEU C 75 -2.15 -1.05 -15.23
CA LEU C 75 -1.32 -2.11 -15.75
C LEU C 75 -1.34 -3.34 -14.86
N HIS C 76 -1.43 -3.14 -13.53
CA HIS C 76 -1.55 -4.28 -12.63
C HIS C 76 -2.87 -5.00 -12.87
N TYR C 77 -3.96 -4.24 -13.06
CA TYR C 77 -5.26 -4.86 -13.30
C TYR C 77 -5.25 -5.66 -14.59
N LEU C 78 -4.68 -5.12 -15.66
CA LEU C 78 -4.61 -5.86 -16.91
C LEU C 78 -3.81 -7.13 -16.74
N GLN C 79 -2.66 -7.01 -16.06
CA GLN C 79 -1.78 -8.13 -15.80
C GLN C 79 -2.52 -9.28 -15.11
N SER C 80 -3.44 -8.94 -14.21
CA SER C 80 -4.13 -9.95 -13.44
C SER C 80 -5.18 -10.68 -14.27
N ARG C 81 -5.62 -10.10 -15.39
CA ARG C 81 -6.70 -10.65 -16.19
C ARG C 81 -6.26 -11.18 -17.54
N VAL C 82 -5.10 -10.75 -18.04
CA VAL C 82 -4.55 -11.23 -19.30
C VAL C 82 -3.10 -11.63 -19.05
N PRO C 83 -2.69 -12.87 -19.37
CA PRO C 83 -1.30 -13.26 -19.11
C PRO C 83 -0.33 -12.65 -20.10
N MET C 84 0.27 -11.52 -19.73
CA MET C 84 1.19 -10.80 -20.60
C MET C 84 2.61 -10.73 -20.02
N GLY C 85 2.90 -11.53 -19.01
CA GLY C 85 4.23 -11.55 -18.41
C GLY C 85 5.20 -12.40 -19.21
N SER C 86 6.40 -12.51 -18.67
CA SER C 86 7.48 -13.23 -19.35
C SER C 86 7.05 -14.64 -19.71
N GLY C 87 7.16 -14.98 -20.99
CA GLY C 87 6.87 -16.34 -21.43
C GLY C 87 5.42 -16.75 -21.39
N GLN C 88 4.49 -15.80 -21.28
CA GLN C 88 3.07 -16.10 -21.22
C GLN C 88 2.43 -15.96 -22.59
N GLU C 89 1.18 -16.42 -22.69
CA GLU C 89 0.52 -16.57 -23.98
C GLU C 89 0.30 -15.23 -24.67
N ALA C 90 -0.15 -14.22 -23.93
CA ALA C 90 -0.54 -12.94 -24.51
C ALA C 90 0.57 -11.89 -24.41
N ALA C 91 1.81 -12.30 -24.16
CA ALA C 91 2.90 -11.34 -24.03
C ALA C 91 3.21 -10.69 -25.38
N VAL C 92 3.49 -9.39 -25.34
CA VAL C 92 3.90 -8.65 -26.54
C VAL C 92 5.17 -7.86 -26.20
N PRO C 93 5.91 -7.44 -27.22
CA PRO C 93 7.11 -6.62 -26.96
C PRO C 93 6.79 -5.30 -26.27
N VAL C 94 7.63 -4.97 -25.30
CA VAL C 94 7.64 -3.67 -24.62
C VAL C 94 9.02 -3.08 -24.84
N THR C 95 9.09 -1.90 -25.45
CA THR C 95 10.35 -1.24 -25.73
C THR C 95 10.41 0.11 -25.03
N TRP C 96 11.51 0.35 -24.31
CA TRP C 96 11.85 1.65 -23.74
C TRP C 96 13.33 1.93 -24.01
N THR C 97 13.70 3.19 -23.93
CA THR C 97 15.08 3.60 -24.13
C THR C 97 15.82 3.60 -22.79
N GLU C 98 16.94 2.87 -22.74
CA GLU C 98 17.84 2.91 -21.59
C GLU C 98 18.52 4.28 -21.53
N ILE C 99 18.44 4.95 -20.38
CA ILE C 99 18.67 6.39 -20.39
C ILE C 99 20.17 6.73 -20.50
N PHE C 100 21.07 5.89 -20.00
CA PHE C 100 22.48 6.26 -19.97
C PHE C 100 23.18 5.98 -21.29
N SER C 101 22.80 4.91 -21.97
CA SER C 101 23.35 4.57 -23.28
C SER C 101 22.53 5.10 -24.43
N GLY C 102 21.26 5.40 -24.20
CA GLY C 102 20.38 5.81 -25.28
C GLY C 102 19.92 4.68 -26.18
N LYS C 103 20.21 3.44 -25.81
CA LYS C 103 19.85 2.28 -26.61
C LYS C 103 18.45 1.80 -26.26
N SER C 104 17.74 1.29 -27.27
CA SER C 104 16.44 0.69 -27.06
C SER C 104 16.60 -0.69 -26.45
N VAL C 105 15.77 -0.99 -25.45
CA VAL C 105 15.76 -2.29 -24.79
C VAL C 105 14.34 -2.81 -24.81
N ALA C 106 14.15 -4.03 -25.32
CA ALA C 106 12.84 -4.63 -25.46
C ALA C 106 12.72 -5.89 -24.61
N HIS C 107 11.57 -6.05 -23.97
CA HIS C 107 11.18 -7.26 -23.26
C HIS C 107 9.72 -7.57 -23.55
N GLU C 108 9.41 -8.84 -23.77
CA GLU C 108 8.02 -9.26 -23.95
C GLU C 108 7.41 -9.56 -22.58
N ASP C 109 7.13 -8.48 -21.85
CA ASP C 109 6.83 -8.60 -20.42
C ASP C 109 6.15 -7.33 -19.96
N ILE C 110 4.88 -7.43 -19.55
CA ILE C 110 4.17 -6.25 -19.07
C ILE C 110 4.83 -5.67 -17.84
N LYS C 111 5.58 -6.48 -17.08
CA LYS C 111 6.25 -5.97 -15.89
C LYS C 111 7.34 -4.97 -16.24
N TYR C 112 7.91 -5.06 -17.44
CA TYR C 112 8.88 -4.07 -17.88
C TYR C 112 8.22 -2.71 -18.09
N GLU C 113 7.02 -2.70 -18.68
CA GLU C 113 6.26 -1.45 -18.79
C GLU C 113 5.97 -0.86 -17.42
N GLN C 114 5.56 -1.70 -16.47
CA GLN C 114 5.31 -1.22 -15.11
C GLN C 114 6.57 -0.61 -14.51
N ALA C 115 7.70 -1.28 -14.68
CA ALA C 115 8.95 -0.85 -14.08
C ALA C 115 9.37 0.52 -14.59
N CYS C 116 9.24 0.74 -15.90
CA CYS C 116 9.62 2.02 -16.49
C CYS C 116 8.71 3.14 -16.02
N ILE C 117 7.42 2.86 -15.88
CA ILE C 117 6.48 3.87 -15.39
C ILE C 117 6.81 4.26 -13.96
N LEU C 118 7.10 3.27 -13.12
CA LEU C 118 7.52 3.53 -11.74
C LEU C 118 8.81 4.32 -11.68
N TYR C 119 9.79 3.97 -12.53
CA TYR C 119 11.00 4.76 -12.61
C TYR C 119 10.69 6.21 -12.94
N ASN C 120 9.79 6.44 -13.90
CA ASN C 120 9.50 7.80 -14.31
C ASN C 120 8.74 8.56 -13.24
N LEU C 121 7.95 7.85 -12.42
CA LEU C 121 7.33 8.49 -11.26
C LEU C 121 8.40 9.02 -10.31
N GLY C 122 9.40 8.19 -10.01
CA GLY C 122 10.51 8.65 -9.19
C GLY C 122 11.26 9.81 -9.84
N ALA C 123 11.52 9.71 -11.14
CA ALA C 123 12.22 10.76 -11.84
C ALA C 123 11.45 12.08 -11.82
N LEU C 124 10.15 12.01 -12.08
CA LEU C 124 9.32 13.22 -12.06
C LEU C 124 9.32 13.87 -10.69
N HIS C 125 9.15 13.08 -9.62
CA HIS C 125 9.23 13.64 -8.28
C HIS C 125 10.57 14.31 -8.03
N SER C 126 11.67 13.70 -8.48
CA SER C 126 12.98 14.31 -8.28
C SER C 126 13.07 15.64 -9.01
N MET C 127 12.46 15.74 -10.19
CA MET C 127 12.43 17.00 -10.91
C MET C 127 11.65 18.05 -10.14
N LEU C 128 10.45 17.70 -9.67
CA LEU C 128 9.62 18.65 -8.93
C LEU C 128 10.32 19.11 -7.65
N GLY C 129 10.99 18.20 -6.95
CA GLY C 129 11.74 18.59 -5.77
C GLY C 129 12.87 19.56 -6.09
N ALA C 130 13.56 19.34 -7.21
CA ALA C 130 14.72 20.15 -7.55
C ALA C 130 14.35 21.48 -8.20
N MET C 131 13.12 21.63 -8.67
CA MET C 131 12.72 22.85 -9.36
C MET C 131 12.53 24.01 -8.39
N ASP C 132 12.10 23.72 -7.16
CA ASP C 132 11.75 24.79 -6.22
C ASP C 132 13.00 25.52 -5.76
N LYS C 133 12.87 26.84 -5.57
CA LYS C 133 13.96 27.65 -5.03
C LYS C 133 14.17 27.43 -3.55
N ARG C 134 13.19 26.85 -2.86
CA ARG C 134 13.28 26.57 -1.43
C ARG C 134 13.55 27.85 -0.63
N VAL C 135 12.96 28.95 -1.10
CA VAL C 135 13.07 30.23 -0.39
C VAL C 135 12.12 30.28 0.81
N SER C 136 10.96 29.65 0.70
CA SER C 136 9.93 29.72 1.72
C SER C 136 9.87 28.41 2.49
N GLU C 137 9.31 28.49 3.71
CA GLU C 137 9.11 27.29 4.49
C GLU C 137 8.29 26.26 3.72
N GLU C 138 7.23 26.71 3.05
CA GLU C 138 6.41 25.77 2.29
C GLU C 138 7.22 25.14 1.17
N GLY C 139 8.07 25.93 0.50
CA GLY C 139 8.89 25.38 -0.58
C GLY C 139 9.88 24.34 -0.09
N MET C 140 10.44 24.56 1.10
CA MET C 140 11.37 23.58 1.67
C MET C 140 10.65 22.26 1.97
N LYS C 141 9.46 22.34 2.56
CA LYS C 141 8.73 21.12 2.93
C LYS C 141 8.14 20.42 1.72
N VAL C 142 7.71 21.18 0.70
CA VAL C 142 7.20 20.57 -0.52
C VAL C 142 8.32 19.84 -1.25
N SER C 143 9.49 20.48 -1.37
CA SER C 143 10.64 19.82 -1.97
C SER C 143 11.05 18.59 -1.16
N CYS C 144 11.12 18.72 0.16
CA CYS C 144 11.44 17.57 1.00
C CYS C 144 10.51 16.41 0.70
N THR C 145 9.21 16.67 0.57
CA THR C 145 8.23 15.62 0.34
C THR C 145 8.39 15.01 -1.06
N HIS C 146 8.65 15.84 -2.08
CA HIS C 146 8.89 15.30 -3.42
C HIS C 146 10.08 14.35 -3.41
N PHE C 147 11.19 14.72 -2.76
CA PHE C 147 12.34 13.83 -2.72
C PHE C 147 12.04 12.53 -1.98
N GLN C 148 11.20 12.59 -0.93
CA GLN C 148 10.80 11.36 -0.27
C GLN C 148 9.88 10.52 -1.15
N CYS C 149 9.03 11.16 -1.95
CA CYS C 149 8.19 10.43 -2.91
C CYS C 149 9.05 9.79 -4.00
N ALA C 150 10.10 10.49 -4.44
CA ALA C 150 11.03 9.91 -5.40
C ALA C 150 11.75 8.71 -4.80
N ALA C 151 12.25 8.85 -3.58
CA ALA C 151 12.87 7.70 -2.93
C ALA C 151 11.90 6.53 -2.86
N GLY C 152 10.63 6.82 -2.58
CA GLY C 152 9.64 5.76 -2.46
C GLY C 152 9.39 5.02 -3.75
N ALA C 153 9.32 5.75 -4.87
CA ALA C 153 9.12 5.11 -6.17
C ALA C 153 10.30 4.21 -6.51
N PHE C 154 11.52 4.71 -6.33
CA PHE C 154 12.69 3.90 -6.64
C PHE C 154 12.81 2.72 -5.68
N ALA C 155 12.42 2.93 -4.42
CA ALA C 155 12.48 1.86 -3.43
C ALA C 155 11.44 0.77 -3.73
N TYR C 156 10.24 1.17 -4.13
CA TYR C 156 9.21 0.20 -4.49
C TYR C 156 9.65 -0.62 -5.69
N LEU C 157 10.20 0.07 -6.70
CA LEU C 157 10.71 -0.61 -7.88
C LEU C 157 11.79 -1.63 -7.50
N ARG C 158 12.72 -1.23 -6.64
CA ARG C 158 13.81 -2.10 -6.22
C ARG C 158 13.29 -3.35 -5.52
N GLU C 159 12.27 -3.20 -4.67
CA GLU C 159 11.81 -4.32 -3.86
C GLU C 159 10.94 -5.29 -4.66
N HIS C 160 10.04 -4.79 -5.51
CA HIS C 160 8.99 -5.63 -6.08
C HIS C 160 9.26 -6.07 -7.52
N PHE C 161 10.40 -5.68 -8.09
CA PHE C 161 10.78 -6.04 -9.46
C PHE C 161 12.18 -6.62 -9.39
N PRO C 162 12.31 -7.91 -9.03
CA PRO C 162 13.64 -8.47 -8.80
C PRO C 162 14.46 -8.67 -10.05
N GLN C 163 13.86 -8.64 -11.23
CA GLN C 163 14.60 -8.72 -12.48
C GLN C 163 14.98 -7.33 -12.94
N ALA C 164 16.26 -7.14 -13.27
CA ALA C 164 16.77 -5.87 -13.80
C ALA C 164 16.56 -5.87 -15.32
N TYR C 165 15.55 -5.13 -15.78
CA TYR C 165 15.24 -5.10 -17.20
C TYR C 165 16.27 -4.30 -18.00
N SER C 166 16.93 -3.34 -17.36
CA SER C 166 17.95 -2.55 -18.02
C SER C 166 18.86 -1.97 -16.96
N VAL C 167 20.09 -1.64 -17.36
CA VAL C 167 21.13 -1.30 -16.40
C VAL C 167 20.84 0.01 -15.67
N ASP C 168 20.02 0.89 -16.23
CA ASP C 168 19.63 2.11 -15.52
C ASP C 168 18.67 1.84 -14.38
N MET C 169 18.11 0.63 -14.28
CA MET C 169 17.18 0.28 -13.23
C MET C 169 17.67 -0.90 -12.40
N SER C 170 18.97 -1.20 -12.44
CA SER C 170 19.49 -2.27 -11.61
C SER C 170 19.35 -1.89 -10.14
N ARG C 171 19.31 -2.92 -9.28
CA ARG C 171 19.08 -2.66 -7.87
C ARG C 171 20.18 -1.79 -7.27
N GLN C 172 21.42 -1.95 -7.72
CA GLN C 172 22.51 -1.14 -7.19
C GLN C 172 22.35 0.33 -7.58
N ILE C 173 21.90 0.58 -8.81
CA ILE C 173 21.66 1.96 -9.24
C ILE C 173 20.44 2.53 -8.51
N LEU C 174 19.40 1.71 -8.32
CA LEU C 174 18.23 2.23 -7.62
C LEU C 174 18.57 2.57 -6.18
N THR C 175 19.47 1.80 -5.56
CA THR C 175 19.89 2.11 -4.19
C THR C 175 20.65 3.43 -4.15
N LEU C 176 21.46 3.71 -5.18
CA LEU C 176 22.09 5.02 -5.28
C LEU C 176 21.03 6.11 -5.35
N ASN C 177 20.04 5.92 -6.21
CA ASN C 177 18.98 6.91 -6.37
C ASN C 177 18.25 7.14 -5.05
N VAL C 178 17.90 6.07 -4.34
CA VAL C 178 17.20 6.21 -3.06
C VAL C 178 18.05 7.02 -2.07
N ASN C 179 19.32 6.68 -1.93
CA ASN C 179 20.17 7.39 -0.98
C ASN C 179 20.34 8.85 -1.37
N LEU C 180 20.42 9.12 -2.68
CA LEU C 180 20.54 10.51 -3.11
C LEU C 180 19.27 11.28 -2.83
N MET C 181 18.10 10.67 -3.07
CA MET C 181 16.84 11.37 -2.84
C MET C 181 16.61 11.60 -1.34
N LEU C 182 16.96 10.62 -0.50
CA LEU C 182 16.78 10.82 0.93
C LEU C 182 17.75 11.87 1.45
N GLY C 183 18.99 11.86 0.96
CA GLY C 183 19.93 12.91 1.33
C GLY C 183 19.41 14.29 0.98
N GLN C 184 18.83 14.43 -0.21
CA GLN C 184 18.31 15.72 -0.62
C GLN C 184 17.07 16.08 0.19
N ALA C 185 16.23 15.10 0.53
CA ALA C 185 15.10 15.38 1.40
C ALA C 185 15.55 15.82 2.78
N GLN C 186 16.55 15.14 3.32
CA GLN C 186 17.09 15.52 4.62
C GLN C 186 17.73 16.90 4.55
N GLU C 187 18.39 17.23 3.43
CA GLU C 187 18.98 18.56 3.26
C GLU C 187 17.91 19.65 3.26
N CYS C 188 16.77 19.38 2.62
CA CYS C 188 15.66 20.33 2.69
C CYS C 188 15.20 20.54 4.12
N LEU C 189 15.12 19.47 4.89
CA LEU C 189 14.66 19.57 6.27
C LEU C 189 15.68 20.29 7.14
N LEU C 190 16.97 20.09 6.85
CA LEU C 190 18.01 20.87 7.52
C LEU C 190 17.80 22.35 7.28
N GLU C 191 17.52 22.74 6.04
CA GLU C 191 17.31 24.14 5.73
C GLU C 191 16.14 24.71 6.53
N LYS C 192 15.05 23.95 6.64
CA LYS C 192 13.93 24.41 7.47
C LYS C 192 14.35 24.52 8.93
N SER C 193 15.09 23.53 9.43
CA SER C 193 15.46 23.55 10.85
C SER C 193 16.34 24.74 11.18
N MET C 194 17.11 25.24 10.22
CA MET C 194 17.91 26.43 10.48
C MET C 194 17.08 27.70 10.34
N LEU C 195 16.12 27.71 9.41
CA LEU C 195 15.20 28.85 9.34
C LEU C 195 14.33 28.95 10.58
N ASP C 196 13.95 27.81 11.17
CA ASP C 196 13.21 27.77 12.42
C ASP C 196 14.06 28.07 13.65
N ASN C 197 15.39 28.12 13.50
CA ASN C 197 16.30 28.31 14.63
C ASN C 197 16.09 27.23 15.69
N ARG C 198 16.08 25.98 15.25
CA ARG C 198 15.94 24.85 16.15
C ARG C 198 17.17 24.73 17.05
N LYS C 199 17.05 23.86 18.06
CA LYS C 199 18.15 23.63 18.99
C LYS C 199 19.41 23.21 18.23
N SER C 200 20.55 23.77 18.65
CA SER C 200 21.80 23.53 17.94
C SER C 200 22.09 22.05 17.80
N PHE C 201 21.86 21.27 18.87
CA PHE C 201 22.19 19.85 18.81
C PHE C 201 21.33 19.13 17.78
N LEU C 202 20.09 19.58 17.60
CA LEU C 202 19.22 18.95 16.61
C LEU C 202 19.68 19.26 15.21
N VAL C 203 19.97 20.53 14.92
CA VAL C 203 20.52 20.90 13.62
C VAL C 203 21.77 20.10 13.32
N ALA C 204 22.63 19.92 14.32
CA ALA C 204 23.85 19.14 14.12
C ALA C 204 23.54 17.72 13.71
N ARG C 205 22.58 17.08 14.38
CA ARG C 205 22.27 15.68 14.08
C ARG C 205 21.58 15.55 12.72
N ILE C 206 20.75 16.52 12.37
CA ILE C 206 20.11 16.51 11.05
C ILE C 206 21.17 16.62 9.97
N SER C 207 22.11 17.55 10.15
CA SER C 207 23.16 17.74 9.15
C SER C 207 24.07 16.51 9.07
N ALA C 208 24.35 15.89 10.21
CA ALA C 208 25.15 14.68 10.22
C ALA C 208 24.49 13.57 9.42
N GLN C 209 23.16 13.54 9.39
CA GLN C 209 22.48 12.50 8.64
C GLN C 209 22.51 12.79 7.14
N VAL C 210 22.44 14.07 6.76
CA VAL C 210 22.68 14.44 5.36
C VAL C 210 24.01 13.84 4.89
N VAL C 211 25.06 14.04 5.69
CA VAL C 211 26.37 13.49 5.39
C VAL C 211 26.30 11.99 5.19
N ASP C 212 25.63 11.28 6.11
CA ASP C 212 25.56 9.82 6.03
C ASP C 212 24.88 9.36 4.75
N TYR C 213 23.75 9.98 4.38
CA TYR C 213 23.10 9.62 3.12
C TYR C 213 24.01 9.86 1.93
N TYR C 214 24.67 11.03 1.89
CA TYR C 214 25.53 11.32 0.76
C TYR C 214 26.78 10.44 0.76
N LYS C 215 27.26 10.01 1.94
CA LYS C 215 28.38 9.08 1.97
C LYS C 215 28.00 7.76 1.33
N GLU C 216 26.78 7.27 1.60
CA GLU C 216 26.33 6.04 0.97
C GLU C 216 26.17 6.22 -0.53
N ALA C 217 25.62 7.35 -0.97
CA ALA C 217 25.57 7.64 -2.41
C ALA C 217 26.97 7.69 -2.99
N CYS C 218 27.91 8.31 -2.28
CA CYS C 218 29.27 8.44 -2.80
C CYS C 218 29.93 7.08 -2.95
N ARG C 219 29.69 6.17 -2.00
CA ARG C 219 30.26 4.83 -2.09
C ARG C 219 29.78 4.12 -3.34
N ALA C 220 28.50 4.29 -3.68
CA ALA C 220 27.95 3.68 -4.88
C ALA C 220 28.55 4.31 -6.13
N LEU C 221 28.77 5.63 -6.11
CA LEU C 221 29.34 6.30 -7.26
C LEU C 221 30.79 5.92 -7.49
N GLU C 222 31.47 5.39 -6.45
CA GLU C 222 32.84 4.91 -6.62
C GLU C 222 32.91 3.49 -7.15
N ASN C 223 31.80 2.76 -7.15
CA ASN C 223 31.80 1.39 -7.66
C ASN C 223 32.15 1.40 -9.16
N PRO C 224 33.16 0.64 -9.59
CA PRO C 224 33.55 0.69 -11.01
C PRO C 224 32.40 0.44 -11.98
N ASP C 225 31.49 -0.50 -11.65
CA ASP C 225 30.37 -0.79 -12.53
C ASP C 225 29.51 0.45 -12.75
N THR C 226 29.17 1.14 -11.66
CA THR C 226 28.36 2.36 -11.78
C THR C 226 29.09 3.43 -12.56
N ALA C 227 30.37 3.64 -12.26
CA ALA C 227 31.13 4.67 -12.94
C ALA C 227 31.16 4.44 -14.45
N SER C 228 31.32 3.18 -14.87
CA SER C 228 31.36 2.91 -16.31
C SER C 228 29.99 3.10 -16.94
N LEU C 229 28.93 2.72 -16.24
CA LEU C 229 27.58 2.87 -16.78
C LEU C 229 27.18 4.34 -16.88
N LEU C 230 27.38 5.10 -15.80
CA LEU C 230 26.98 6.50 -15.78
C LEU C 230 27.91 7.40 -16.57
N GLY C 231 29.15 6.97 -16.80
CA GLY C 231 30.08 7.81 -17.55
C GLY C 231 30.29 9.15 -16.87
N ARG C 232 30.24 10.22 -17.67
CA ARG C 232 30.50 11.53 -17.11
C ARG C 232 29.44 11.95 -16.09
N ILE C 233 28.25 11.34 -16.11
CA ILE C 233 27.25 11.63 -15.09
C ILE C 233 27.77 11.24 -13.72
N GLN C 234 28.51 10.14 -13.63
CA GLN C 234 29.10 9.77 -12.36
C GLN C 234 30.08 10.85 -11.88
N LYS C 235 30.84 11.44 -12.81
CA LYS C 235 31.79 12.48 -12.45
C LYS C 235 31.07 13.72 -11.93
N ASP C 236 30.01 14.14 -12.62
CA ASP C 236 29.25 15.31 -12.19
C ASP C 236 28.62 15.07 -10.83
N TRP C 237 27.91 13.96 -10.67
CA TRP C 237 27.23 13.68 -9.41
C TRP C 237 28.24 13.56 -8.27
N LYS C 238 29.34 12.84 -8.49
CA LYS C 238 30.29 12.60 -7.43
C LYS C 238 30.94 13.90 -6.98
N LYS C 239 31.23 14.80 -7.91
CA LYS C 239 31.84 16.07 -7.51
C LYS C 239 30.90 16.86 -6.62
N LEU C 240 29.60 16.90 -6.94
CA LEU C 240 28.66 17.61 -6.10
C LEU C 240 28.48 16.92 -4.76
N VAL C 241 28.33 15.59 -4.78
CA VAL C 241 28.06 14.84 -3.56
C VAL C 241 29.27 14.91 -2.61
N GLN C 242 30.49 14.71 -3.13
CA GLN C 242 31.66 14.77 -2.28
C GLN C 242 31.82 16.14 -1.66
N MET C 243 31.53 17.20 -2.43
CA MET C 243 31.56 18.56 -1.88
C MET C 243 30.54 18.71 -0.76
N LYS C 244 29.33 18.18 -0.97
CA LYS C 244 28.27 18.28 0.03
C LYS C 244 28.59 17.48 1.29
N ILE C 245 29.30 16.36 1.15
CA ILE C 245 29.71 15.60 2.33
C ILE C 245 30.50 16.49 3.28
N TYR C 246 31.50 17.21 2.75
CA TYR C 246 32.33 18.04 3.61
C TYR C 246 31.58 19.27 4.06
N TYR C 247 30.74 19.84 3.20
CA TYR C 247 29.98 21.03 3.57
C TYR C 247 29.04 20.74 4.73
N PHE C 248 28.23 19.67 4.63
CA PHE C 248 27.30 19.40 5.72
C PHE C 248 27.96 18.78 6.93
N ALA C 249 29.16 18.22 6.79
CA ALA C 249 29.95 17.89 7.98
C ALA C 249 30.41 19.16 8.69
N ALA C 250 30.78 20.19 7.93
CA ALA C 250 31.14 21.47 8.52
C ALA C 250 29.95 22.08 9.25
N VAL C 251 28.77 22.06 8.62
CA VAL C 251 27.57 22.59 9.26
C VAL C 251 27.25 21.82 10.53
N ALA C 252 27.44 20.50 10.51
CA ALA C 252 27.19 19.70 11.70
C ALA C 252 28.13 20.09 12.83
N HIS C 253 29.42 20.26 12.53
CA HIS C 253 30.35 20.59 13.60
C HIS C 253 30.24 22.05 14.04
N LEU C 254 29.83 22.93 13.12
CA LEU C 254 29.45 24.29 13.53
C LEU C 254 28.40 24.24 14.64
N HIS C 255 27.34 23.44 14.44
CA HIS C 255 26.29 23.44 15.44
C HIS C 255 26.67 22.63 16.68
N MET C 256 27.59 21.68 16.55
CA MET C 256 28.14 21.05 17.75
C MET C 256 28.96 22.05 18.56
N GLY C 257 29.67 22.95 17.89
CA GLY C 257 30.40 23.98 18.62
C GLY C 257 29.47 25.00 19.26
N LYS C 258 28.33 25.29 18.61
CA LYS C 258 27.33 26.14 19.22
C LYS C 258 26.74 25.48 20.47
N GLN C 259 26.51 24.17 20.42
CA GLN C 259 26.06 23.47 21.63
C GLN C 259 27.13 23.52 22.72
N ALA C 260 28.39 23.30 22.36
CA ALA C 260 29.46 23.40 23.36
C ALA C 260 29.47 24.78 24.00
N GLU C 261 29.31 25.82 23.18
CA GLU C 261 29.22 27.18 23.70
C GLU C 261 28.08 27.31 24.69
N GLU C 262 26.88 26.86 24.29
CA GLU C 262 25.70 26.95 25.16
C GLU C 262 25.92 26.21 26.48
N GLN C 263 26.74 25.17 26.49
CA GLN C 263 27.06 24.44 27.70
C GLN C 263 28.34 24.94 28.37
N GLN C 264 28.90 26.06 27.92
CA GLN C 264 30.11 26.65 28.50
C GLN C 264 31.28 25.68 28.47
N LYS C 265 31.35 24.87 27.41
CA LYS C 265 32.49 23.99 27.17
C LYS C 265 33.38 24.67 26.13
N PHE C 266 34.18 25.62 26.57
CA PHE C 266 34.82 26.53 25.64
C PHE C 266 36.04 25.93 24.95
N GLY C 267 36.67 24.91 25.53
CA GLY C 267 37.70 24.19 24.79
C GLY C 267 37.11 23.31 23.70
N GLU C 268 36.02 22.60 24.01
CA GLU C 268 35.33 21.80 23.00
C GLU C 268 34.80 22.69 21.87
N ARG C 269 34.33 23.89 22.22
CA ARG C 269 33.88 24.86 21.22
C ARG C 269 34.96 25.12 20.17
N VAL C 270 36.19 25.36 20.61
CA VAL C 270 37.30 25.58 19.67
C VAL C 270 37.51 24.34 18.81
N ALA C 271 37.49 23.16 19.41
CA ALA C 271 37.74 21.94 18.65
C ALA C 271 36.71 21.75 17.55
N TYR C 272 35.42 21.98 17.85
CA TYR C 272 34.40 21.79 16.83
C TYR C 272 34.46 22.86 15.76
N PHE C 273 34.74 24.11 16.13
CA PHE C 273 34.80 25.17 15.13
C PHE C 273 36.04 25.00 14.25
N GLN C 274 37.16 24.54 14.83
CA GLN C 274 38.35 24.24 14.03
C GLN C 274 38.07 23.13 13.04
N SER C 275 37.41 22.07 13.51
CA SER C 275 37.01 20.98 12.63
C SER C 275 36.07 21.47 11.54
N ALA C 276 35.08 22.29 11.93
CA ALA C 276 34.14 22.83 10.94
C ALA C 276 34.88 23.65 9.88
N LEU C 277 35.87 24.43 10.30
CA LEU C 277 36.60 25.24 9.32
C LEU C 277 37.44 24.36 8.40
N ASP C 278 38.09 23.34 8.95
CA ASP C 278 38.85 22.41 8.11
C ASP C 278 37.95 21.73 7.08
N LYS C 279 36.78 21.25 7.52
CA LYS C 279 35.87 20.57 6.60
C LYS C 279 35.35 21.53 5.52
N LEU C 280 35.02 22.76 5.92
CA LEU C 280 34.57 23.75 4.94
C LEU C 280 35.66 24.07 3.94
N ASN C 281 36.91 24.19 4.41
CA ASN C 281 38.01 24.45 3.50
C ASN C 281 38.14 23.33 2.48
N GLU C 282 37.94 22.07 2.89
CA GLU C 282 37.97 20.97 1.94
C GLU C 282 36.79 21.05 0.97
N ALA C 283 35.61 21.46 1.46
CA ALA C 283 34.47 21.62 0.57
C ALA C 283 34.73 22.70 -0.47
N ILE C 284 35.45 23.76 -0.08
CA ILE C 284 35.77 24.82 -1.04
C ILE C 284 36.71 24.30 -2.12
N LYS C 285 37.72 23.51 -1.72
CA LYS C 285 38.62 22.90 -2.70
C LYS C 285 37.87 21.98 -3.66
N LEU C 286 36.95 21.17 -3.12
CA LEU C 286 36.17 20.25 -3.95
C LEU C 286 35.15 20.96 -4.82
N ALA C 287 34.86 22.23 -4.54
CA ALA C 287 33.83 22.97 -5.26
C ALA C 287 34.38 23.71 -6.48
N LYS C 288 35.66 23.51 -6.82
CA LYS C 288 36.24 24.16 -7.99
C LYS C 288 35.42 23.83 -9.22
N GLY C 289 34.99 24.86 -9.94
CA GLY C 289 34.19 24.67 -11.13
C GLY C 289 32.70 24.60 -10.88
N GLN C 290 32.27 24.49 -9.62
CA GLN C 290 30.84 24.46 -9.34
C GLN C 290 30.21 25.82 -9.63
N PRO C 291 28.91 25.85 -9.92
CA PRO C 291 28.25 27.11 -10.25
C PRO C 291 28.17 28.05 -9.06
N ASP C 292 27.78 29.30 -9.36
CA ASP C 292 27.77 30.33 -8.34
C ASP C 292 26.81 30.02 -7.20
N THR C 293 25.76 29.24 -7.46
CA THR C 293 24.89 28.83 -6.37
C THR C 293 25.68 28.13 -5.27
N VAL C 294 26.58 27.21 -5.66
CA VAL C 294 27.43 26.53 -4.70
C VAL C 294 28.40 27.52 -4.05
N GLN C 295 29.08 28.32 -4.87
CA GLN C 295 30.06 29.25 -4.33
C GLN C 295 29.44 30.22 -3.35
N ASP C 296 28.25 30.74 -3.66
CA ASP C 296 27.57 31.65 -2.75
C ASP C 296 27.28 30.98 -1.40
N ALA C 297 26.86 29.71 -1.43
CA ALA C 297 26.58 29.02 -0.18
C ALA C 297 27.84 28.86 0.65
N LEU C 298 28.94 28.48 0.00
CA LEU C 298 30.21 28.30 0.70
C LEU C 298 30.72 29.62 1.25
N ARG C 299 30.61 30.70 0.47
N ARG C 299 30.63 30.70 0.46
CA ARG C 299 31.12 32.00 0.89
CA ARG C 299 31.12 31.99 0.93
C ARG C 299 30.35 32.50 2.12
C ARG C 299 30.36 32.46 2.16
N PHE C 300 29.04 32.35 2.12
CA PHE C 300 28.23 32.73 3.26
C PHE C 300 28.62 31.94 4.49
N THR C 301 28.82 30.63 4.34
CA THR C 301 29.15 29.78 5.47
C THR C 301 30.56 30.05 5.97
N MET C 302 31.48 30.39 5.06
N MET C 302 31.48 30.40 5.07
CA MET C 302 32.84 30.75 5.48
CA MET C 302 32.84 30.73 5.52
C MET C 302 32.82 31.98 6.38
C MET C 302 32.86 32.00 6.35
N ASP C 303 32.01 32.98 6.04
CA ASP C 303 31.89 34.15 6.90
C ASP C 303 31.52 33.74 8.31
N VAL C 304 30.55 32.83 8.44
CA VAL C 304 30.09 32.42 9.76
C VAL C 304 31.18 31.62 10.48
N ILE C 305 31.65 30.55 9.84
CA ILE C 305 32.53 29.62 10.53
C ILE C 305 33.88 30.26 10.80
N GLY C 306 34.45 30.95 9.81
CA GLY C 306 35.74 31.58 10.01
C GLY C 306 35.74 32.54 11.18
N GLY C 307 34.70 33.37 11.28
CA GLY C 307 34.63 34.34 12.36
C GLY C 307 34.43 33.68 13.71
N LYS C 308 33.56 32.66 13.77
CA LYS C 308 33.31 32.00 15.05
C LYS C 308 34.54 31.25 15.54
N TYR C 309 35.29 30.62 14.61
CA TYR C 309 36.51 29.95 15.01
C TYR C 309 37.54 30.94 15.57
N ASN C 310 37.82 32.02 14.84
CA ASN C 310 38.80 32.98 15.33
C ASN C 310 38.40 33.53 16.70
N SER C 311 37.11 33.82 16.88
CA SER C 311 36.63 34.40 18.13
C SER C 311 36.68 33.39 19.26
N ALA C 312 36.34 32.13 18.97
CA ALA C 312 36.38 31.10 19.99
C ALA C 312 37.81 30.81 20.45
N LYS C 313 38.75 30.77 19.51
CA LYS C 313 40.14 30.49 19.88
C LYS C 313 40.73 31.64 20.68
N LYS C 314 40.41 32.88 20.29
CA LYS C 314 40.82 34.05 21.06
C LYS C 314 40.27 33.99 22.49
N ASP C 315 38.96 33.78 22.62
CA ASP C 315 38.36 33.67 23.96
C ASP C 315 39.06 32.59 24.78
N ASN C 316 39.34 31.44 24.17
CA ASN C 316 39.93 30.36 24.97
C ASN C 316 41.39 30.64 25.27
N ASP C 317 42.14 31.15 24.30
CA ASP C 317 43.57 31.41 24.49
C ASP C 317 43.83 32.44 25.59
N PHE C 318 42.94 33.41 25.76
CA PHE C 318 43.23 34.54 26.61
C PHE C 318 42.26 34.74 27.76
N ILE C 319 41.15 34.01 27.83
CA ILE C 319 40.18 34.16 28.91
C ILE C 319 39.92 32.82 29.58
N TYR C 320 39.40 31.85 28.82
CA TYR C 320 38.89 30.61 29.42
C TYR C 320 40.00 29.63 29.77
N HIS C 321 41.02 29.50 28.93
CA HIS C 321 42.18 28.64 29.19
C HIS C 321 41.78 27.18 29.40
N GLU C 322 40.82 26.69 28.62
CA GLU C 322 40.41 25.30 28.72
C GLU C 322 41.18 24.44 27.73
N ALA C 323 41.33 23.17 28.07
CA ALA C 323 42.01 22.25 27.16
C ALA C 323 41.14 22.04 25.93
N VAL C 324 41.77 22.02 24.76
CA VAL C 324 41.07 21.78 23.50
C VAL C 324 41.19 20.29 23.20
N PRO C 325 40.11 19.52 23.23
CA PRO C 325 40.23 18.08 23.05
C PRO C 325 40.44 17.72 21.60
N ALA C 326 41.17 16.62 21.39
CA ALA C 326 41.26 16.03 20.07
C ALA C 326 39.92 15.46 19.66
N LEU C 327 39.66 15.46 18.35
CA LEU C 327 38.38 14.97 17.84
C LEU C 327 38.12 13.55 18.30
N ASP C 328 39.16 12.72 18.35
CA ASP C 328 39.01 11.29 18.60
C ASP C 328 38.47 11.01 20.00
N THR C 329 38.62 11.94 20.94
CA THR C 329 38.15 11.74 22.29
C THR C 329 36.68 12.13 22.48
N LEU C 330 36.05 12.71 21.46
CA LEU C 330 34.67 13.16 21.54
C LEU C 330 33.74 12.18 20.84
N GLN C 331 32.61 11.90 21.49
CA GLN C 331 31.62 11.02 20.89
C GLN C 331 31.13 11.61 19.57
N PRO C 332 31.18 10.88 18.46
CA PRO C 332 30.79 11.47 17.18
C PRO C 332 29.31 11.80 17.14
N VAL C 333 28.94 12.64 16.16
CA VAL C 333 27.57 13.09 16.01
C VAL C 333 26.79 11.99 15.30
N LYS C 334 25.76 11.47 15.94
CA LYS C 334 24.91 10.45 15.33
C LYS C 334 23.84 11.12 14.49
N GLY C 335 23.70 10.69 13.24
CA GLY C 335 22.69 11.26 12.38
C GLY C 335 21.30 11.03 12.94
N ALA C 336 20.40 11.95 12.62
CA ALA C 336 18.98 11.87 12.96
C ALA C 336 18.16 11.77 11.68
N PRO C 337 17.91 10.57 11.17
CA PRO C 337 17.07 10.43 9.97
C PRO C 337 15.61 10.78 10.27
N LEU C 338 15.12 11.82 9.62
CA LEU C 338 13.74 12.25 9.74
C LEU C 338 13.00 12.15 8.41
N VAL C 339 13.57 11.45 7.43
CA VAL C 339 12.94 11.26 6.14
C VAL C 339 12.92 9.77 5.85
N LYS C 340 11.99 9.36 4.99
CA LYS C 340 11.87 7.97 4.61
C LYS C 340 11.25 7.90 3.23
N PRO C 341 11.42 6.80 2.52
CA PRO C 341 10.72 6.64 1.24
C PRO C 341 9.21 6.54 1.48
N LEU C 342 8.45 7.32 0.74
CA LEU C 342 7.01 7.36 0.96
C LEU C 342 6.30 6.37 0.05
N PRO C 343 5.06 5.99 0.39
CA PRO C 343 4.40 4.90 -0.33
C PRO C 343 4.15 5.20 -1.79
N VAL C 344 3.92 4.13 -2.55
CA VAL C 344 3.44 4.21 -3.91
C VAL C 344 1.99 3.72 -4.02
N ASN C 345 1.66 2.62 -3.34
CA ASN C 345 0.31 2.06 -3.35
C ASN C 345 -0.21 1.96 -4.78
N PRO C 346 0.33 1.05 -5.60
CA PRO C 346 0.01 1.07 -7.04
C PRO C 346 -1.44 0.74 -7.34
N THR C 347 -2.05 -0.19 -6.59
CA THR C 347 -3.42 -0.61 -6.85
C THR C 347 -4.41 -0.01 -5.85
N ASP C 348 -4.05 1.09 -5.22
CA ASP C 348 -4.99 1.77 -4.34
C ASP C 348 -6.14 2.32 -5.16
N PRO C 349 -7.38 1.88 -4.94
CA PRO C 349 -8.49 2.43 -5.76
C PRO C 349 -8.54 3.94 -5.78
N ALA C 350 -8.04 4.59 -4.73
CA ALA C 350 -8.04 6.04 -4.66
C ALA C 350 -7.17 6.69 -5.73
N VAL C 351 -6.24 5.94 -6.32
CA VAL C 351 -5.38 6.49 -7.36
C VAL C 351 -5.66 5.86 -8.73
N THR C 352 -6.16 4.63 -8.79
CA THR C 352 -6.37 3.96 -10.07
C THR C 352 -7.75 4.20 -10.65
N GLY C 353 -8.77 4.39 -9.82
CA GLY C 353 -10.13 4.36 -10.28
C GLY C 353 -10.55 2.93 -10.51
N PRO C 354 -11.74 2.73 -11.07
CA PRO C 354 -12.21 1.36 -11.32
C PRO C 354 -11.31 0.63 -12.30
N ASP C 355 -11.20 -0.69 -12.11
CA ASP C 355 -10.47 -1.55 -13.02
C ASP C 355 -11.04 -1.45 -14.43
N ILE C 356 -10.26 -0.91 -15.37
CA ILE C 356 -10.76 -0.71 -16.74
C ILE C 356 -11.24 -2.03 -17.34
N PHE C 357 -10.57 -3.13 -16.99
CA PHE C 357 -10.86 -4.44 -17.55
C PHE C 357 -11.71 -5.30 -16.62
N ALA C 358 -12.58 -4.66 -15.83
CA ALA C 358 -13.42 -5.42 -14.90
C ALA C 358 -14.26 -6.47 -15.61
N LYS C 359 -14.66 -6.20 -16.86
CA LYS C 359 -15.51 -7.12 -17.62
C LYS C 359 -14.74 -8.31 -18.17
N LEU C 360 -13.41 -8.32 -18.11
CA LEU C 360 -12.62 -9.40 -18.69
C LEU C 360 -12.37 -10.44 -17.59
N VAL C 361 -13.25 -11.44 -17.55
CA VAL C 361 -13.15 -12.50 -16.54
C VAL C 361 -13.25 -13.85 -17.22
N VAL D 9 3.68 16.37 4.45
CA VAL D 9 4.09 17.77 4.42
C VAL D 9 3.84 18.42 5.77
N SER D 10 2.55 18.61 6.09
CA SER D 10 2.20 19.23 7.37
C SER D 10 2.80 18.47 8.55
N ASP D 11 3.03 17.17 8.38
CA ASP D 11 3.63 16.38 9.44
C ASP D 11 5.08 16.76 9.70
N LEU D 12 5.76 17.37 8.72
CA LEU D 12 7.15 17.76 8.93
C LEU D 12 7.28 18.77 10.06
N ASP D 13 6.39 19.77 10.10
CA ASP D 13 6.40 20.72 11.21
C ASP D 13 6.36 20.00 12.55
N LYS D 14 5.43 19.04 12.69
CA LYS D 14 5.29 18.33 13.95
C LYS D 14 6.48 17.43 14.25
N LEU D 15 7.14 16.91 13.22
CA LEU D 15 8.27 16.02 13.48
C LEU D 15 9.43 16.76 14.10
N LEU D 16 9.68 18.00 13.66
CA LEU D 16 10.77 18.77 14.26
C LEU D 16 10.42 19.25 15.66
N ASP D 17 9.16 19.67 15.86
CA ASP D 17 8.73 20.02 17.20
C ASP D 17 8.90 18.84 18.15
N ASP D 18 8.56 17.64 17.69
CA ASP D 18 8.74 16.44 18.50
C ASP D 18 10.22 16.24 18.85
N PHE D 19 11.08 16.22 17.83
CA PHE D 19 12.49 15.93 18.06
C PHE D 19 13.16 17.01 18.90
N GLU D 20 12.73 18.27 18.76
CA GLU D 20 13.38 19.35 19.47
C GLU D 20 13.17 19.26 20.97
N GLN D 21 12.04 18.71 21.42
CA GLN D 21 11.84 18.47 22.84
C GLN D 21 12.89 17.49 23.35
#